data_5J2R
#
_entry.id   5J2R
#
loop_
_entity.id
_entity.type
_entity.pdbx_description
1 polymer 'Serine/threonine-protein kinase B-raf'
2 non-polymer N-[2-methoxy-5-({[(E)-2-(2,4,6-trimethoxyphenyl)ethenyl]sulfonyl}methyl)phenyl]glycine
#
_entity_poly.entity_id   1
_entity_poly.type   'polypeptide(L)'
_entity_poly.pdbx_seq_one_letter_code
;GSLEVLFQGPSPQKPIVRVFLPNKQRTVVPARCGVTVRDSLKKALMMRGLIPECCAVYRIQDGEKKPIGWDTDISWLTGE
ELHVEVLENVPL
;
_entity_poly.pdbx_strand_id   A
#
# COMPACT_ATOMS: atom_id res chain seq x y z
N SER A 11 9.75 17.87 -17.99
CA SER A 11 10.31 16.67 -17.36
C SER A 11 9.22 15.64 -17.13
N PRO A 12 9.46 14.37 -17.50
CA PRO A 12 8.51 13.27 -17.27
C PRO A 12 8.15 13.15 -15.80
N GLN A 13 6.90 13.51 -15.48
CA GLN A 13 6.41 13.45 -14.11
C GLN A 13 6.36 12.01 -13.62
N LYS A 14 6.89 11.78 -12.43
CA LYS A 14 6.88 10.46 -11.84
C LYS A 14 6.13 10.49 -10.50
N PRO A 15 4.92 9.94 -10.51
CA PRO A 15 4.11 9.77 -9.30
C PRO A 15 4.40 8.45 -8.59
N ILE A 16 4.57 8.49 -7.28
CA ILE A 16 4.80 7.28 -6.49
C ILE A 16 4.03 7.33 -5.18
N VAL A 17 3.84 6.17 -4.58
CA VAL A 17 3.31 6.09 -3.23
C VAL A 17 4.26 5.28 -2.37
N ARG A 18 4.79 5.93 -1.35
CA ARG A 18 5.73 5.29 -0.44
C ARG A 18 4.99 4.49 0.62
N VAL A 19 4.98 3.18 0.44
CA VAL A 19 4.26 2.27 1.30
C VAL A 19 5.15 1.75 2.42
N PHE A 20 4.80 2.07 3.65
CA PHE A 20 5.51 1.54 4.78
C PHE A 20 5.07 0.10 5.03
N LEU A 21 5.94 -0.80 4.64
CA LEU A 21 5.70 -2.23 4.71
C LEU A 21 5.71 -2.71 6.16
N PRO A 22 5.24 -3.94 6.41
CA PRO A 22 5.35 -4.57 7.73
C PRO A 22 6.78 -4.52 8.26
N ASN A 23 6.90 -4.57 9.59
CA ASN A 23 8.20 -4.51 10.25
C ASN A 23 8.84 -3.13 10.10
N LYS A 24 7.99 -2.12 9.87
CA LYS A 24 8.41 -0.72 9.81
C LYS A 24 9.43 -0.46 8.69
N GLN A 25 9.32 -1.22 7.62
CA GLN A 25 10.08 -0.97 6.43
C GLN A 25 9.25 -0.13 5.49
N ARG A 26 9.78 0.24 4.34
CA ARG A 26 9.00 0.94 3.35
C ARG A 26 9.46 0.61 1.94
N THR A 27 8.51 0.44 1.06
CA THR A 27 8.76 0.34 -0.36
C THR A 27 7.83 1.30 -1.09
N VAL A 28 8.33 2.03 -2.06
CA VAL A 28 7.48 2.93 -2.81
C VAL A 28 7.07 2.29 -4.13
N VAL A 29 5.82 2.50 -4.51
CA VAL A 29 5.31 1.98 -5.77
C VAL A 29 4.77 3.14 -6.60
N PRO A 30 5.27 3.33 -7.83
CA PRO A 30 4.79 4.34 -8.75
C PRO A 30 3.29 4.27 -8.88
N ALA A 31 2.63 5.41 -8.71
CA ALA A 31 1.18 5.46 -8.72
C ALA A 31 0.66 4.96 -10.05
N ARG A 32 0.09 3.78 -10.01
CA ARG A 32 -0.37 3.11 -11.21
C ARG A 32 -1.83 3.47 -11.50
N CYS A 33 -2.05 4.21 -12.58
CA CYS A 33 -3.38 4.69 -12.91
C CYS A 33 -4.17 3.61 -13.65
N GLY A 34 -5.31 3.25 -13.09
CA GLY A 34 -6.07 2.14 -13.62
C GLY A 34 -5.67 0.86 -12.92
N VAL A 35 -4.92 1.04 -11.83
CA VAL A 35 -4.42 -0.08 -11.05
C VAL A 35 -4.87 0.07 -9.61
N THR A 36 -5.18 -1.04 -8.99
CA THR A 36 -5.73 -1.03 -7.65
C THR A 36 -4.59 -1.15 -6.65
N VAL A 37 -4.89 -0.93 -5.38
CA VAL A 37 -3.92 -1.16 -4.32
C VAL A 37 -3.42 -2.60 -4.40
N ARG A 38 -4.31 -3.48 -4.85
CA ARG A 38 -4.01 -4.89 -5.00
C ARG A 38 -2.74 -5.13 -5.82
N ASP A 39 -2.68 -4.58 -7.02
CA ASP A 39 -1.58 -4.85 -7.93
C ASP A 39 -0.31 -4.13 -7.48
N SER A 40 -0.50 -2.87 -7.13
CA SER A 40 0.61 -2.02 -6.76
C SER A 40 1.29 -2.52 -5.50
N LEU A 41 0.49 -2.74 -4.47
CA LEU A 41 0.98 -3.29 -3.23
C LEU A 41 1.40 -4.74 -3.39
N LYS A 42 0.86 -5.42 -4.40
CA LYS A 42 1.26 -6.79 -4.68
C LYS A 42 2.77 -6.85 -4.86
N LYS A 43 3.32 -5.89 -5.61
CA LYS A 43 4.76 -5.79 -5.71
C LYS A 43 5.36 -5.47 -4.35
N ALA A 44 4.77 -4.47 -3.69
CA ALA A 44 5.28 -3.98 -2.42
C ALA A 44 5.51 -5.11 -1.41
N LEU A 45 4.50 -5.93 -1.20
CA LEU A 45 4.62 -7.06 -0.28
C LEU A 45 5.60 -8.10 -0.82
N MET A 46 5.42 -8.47 -2.08
CA MET A 46 6.22 -9.53 -2.70
C MET A 46 7.72 -9.25 -2.69
N MET A 47 8.10 -7.98 -2.73
CA MET A 47 9.53 -7.64 -2.77
C MET A 47 10.18 -7.95 -1.42
N ARG A 48 9.38 -7.85 -0.37
CA ARG A 48 9.84 -8.19 0.96
C ARG A 48 9.73 -9.68 1.20
N GLY A 49 9.00 -10.34 0.31
CA GLY A 49 8.76 -11.76 0.46
C GLY A 49 7.45 -12.04 1.15
N LEU A 50 6.62 -11.01 1.24
CA LEU A 50 5.34 -11.11 1.91
C LEU A 50 4.20 -11.18 0.90
N ILE A 51 3.00 -11.40 1.39
CA ILE A 51 1.83 -11.52 0.54
C ILE A 51 0.76 -10.51 0.93
N PRO A 52 0.08 -9.91 -0.06
CA PRO A 52 -0.99 -8.95 0.17
C PRO A 52 -2.26 -9.59 0.72
N GLU A 53 -2.23 -10.92 0.81
CA GLU A 53 -3.38 -11.67 1.29
C GLU A 53 -3.61 -11.43 2.78
N CYS A 54 -2.55 -11.60 3.55
CA CYS A 54 -2.62 -11.46 5.00
C CYS A 54 -2.07 -10.10 5.45
N CYS A 55 -2.16 -9.12 4.57
CA CYS A 55 -1.73 -7.77 4.90
C CYS A 55 -2.84 -6.77 4.59
N ALA A 56 -2.86 -5.66 5.31
CA ALA A 56 -3.89 -4.63 5.13
C ALA A 56 -3.26 -3.31 4.78
N VAL A 57 -3.98 -2.47 4.05
CA VAL A 57 -3.43 -1.20 3.67
C VAL A 57 -4.14 -0.08 4.39
N TYR A 58 -3.36 0.71 5.09
CA TYR A 58 -3.84 1.85 5.85
C TYR A 58 -3.08 3.08 5.45
N ARG A 59 -3.66 4.23 5.66
CA ARG A 59 -2.92 5.46 5.57
C ARG A 59 -3.38 6.44 6.64
N ILE A 60 -2.44 7.20 7.14
CA ILE A 60 -2.72 8.14 8.20
C ILE A 60 -3.21 9.45 7.63
N GLN A 61 -4.38 9.86 8.06
CA GLN A 61 -4.94 11.13 7.67
C GLN A 61 -4.80 12.08 8.85
N ASP A 62 -5.82 12.88 9.12
CA ASP A 62 -5.79 13.88 10.20
C ASP A 62 -5.46 13.26 11.55
N GLY A 63 -4.17 13.06 11.80
CA GLY A 63 -3.71 12.49 13.05
C GLY A 63 -4.25 11.09 13.30
N GLU A 64 -4.92 10.51 12.31
CA GLU A 64 -5.61 9.25 12.53
C GLU A 64 -5.39 8.28 11.38
N LYS A 65 -6.00 7.11 11.51
CA LYS A 65 -5.85 6.06 10.54
C LYS A 65 -7.10 5.89 9.70
N LYS A 66 -6.89 5.72 8.43
CA LYS A 66 -7.96 5.40 7.50
C LYS A 66 -7.59 4.14 6.73
N PRO A 67 -8.39 3.07 6.87
CA PRO A 67 -8.12 1.81 6.19
C PRO A 67 -8.48 1.87 4.71
N ILE A 68 -7.59 1.33 3.88
CA ILE A 68 -7.72 1.41 2.45
C ILE A 68 -8.26 0.11 1.85
N GLY A 69 -8.93 0.23 0.72
CA GLY A 69 -9.49 -0.92 0.06
C GLY A 69 -8.59 -1.37 -1.08
N TRP A 70 -8.53 -2.67 -1.30
CA TRP A 70 -7.60 -3.22 -2.30
C TRP A 70 -8.02 -2.86 -3.72
N ASP A 71 -9.26 -2.45 -3.90
CA ASP A 71 -9.78 -2.11 -5.21
C ASP A 71 -9.65 -0.61 -5.46
N THR A 72 -9.03 0.09 -4.53
CA THR A 72 -8.87 1.53 -4.62
C THR A 72 -7.77 1.86 -5.62
N ASP A 73 -8.08 2.76 -6.56
CA ASP A 73 -7.09 3.21 -7.54
C ASP A 73 -5.95 3.91 -6.82
N ILE A 74 -4.77 3.34 -6.91
CA ILE A 74 -3.62 3.84 -6.16
C ILE A 74 -3.17 5.21 -6.65
N SER A 75 -3.62 5.62 -7.82
CA SER A 75 -3.22 6.91 -8.36
C SER A 75 -3.93 8.07 -7.67
N TRP A 76 -4.93 7.76 -6.85
CA TRP A 76 -5.54 8.77 -5.99
C TRP A 76 -4.69 8.97 -4.75
N LEU A 77 -3.98 7.91 -4.38
CA LEU A 77 -3.21 7.87 -3.15
C LEU A 77 -1.80 8.41 -3.37
N THR A 78 -1.52 8.93 -4.57
CA THR A 78 -0.24 9.56 -4.83
C THR A 78 -0.01 10.72 -3.86
N GLY A 79 1.25 11.00 -3.58
CA GLY A 79 1.58 12.08 -2.66
C GLY A 79 1.50 11.65 -1.20
N GLU A 80 0.95 10.48 -0.95
CA GLU A 80 0.77 9.98 0.41
C GLU A 80 1.77 8.89 0.75
N GLU A 81 2.03 8.73 2.03
CA GLU A 81 2.78 7.58 2.52
C GLU A 81 1.81 6.61 3.14
N LEU A 82 1.84 5.39 2.65
CA LEU A 82 0.97 4.35 3.14
C LEU A 82 1.67 3.52 4.18
N HIS A 83 0.94 2.63 4.83
CA HIS A 83 1.53 1.67 5.74
C HIS A 83 0.65 0.43 5.81
N VAL A 84 1.28 -0.73 5.77
CA VAL A 84 0.55 -1.99 5.71
C VAL A 84 0.53 -2.67 7.06
N GLU A 85 -0.65 -3.16 7.42
CA GLU A 85 -0.89 -3.76 8.72
C GLU A 85 -1.04 -5.27 8.56
N VAL A 86 -0.20 -6.04 9.21
CA VAL A 86 -0.27 -7.49 9.07
C VAL A 86 -1.51 -8.07 9.74
N LEU A 87 -2.40 -8.60 8.94
CA LEU A 87 -3.58 -9.28 9.43
C LEU A 87 -3.22 -10.73 9.75
N GLU A 88 -2.87 -10.98 11.00
CA GLU A 88 -2.42 -12.31 11.39
C GLU A 88 -3.61 -13.21 11.67
N ASN A 89 -3.99 -13.97 10.66
CA ASN A 89 -5.07 -14.95 10.78
C ASN A 89 -4.66 -16.23 10.10
N VAL A 90 -3.42 -16.60 10.34
CA VAL A 90 -2.82 -17.79 9.76
C VAL A 90 -3.44 -19.06 10.34
N PRO A 91 -3.58 -20.12 9.52
CA PRO A 91 -4.10 -21.42 9.97
C PRO A 91 -3.13 -22.13 10.91
N LEU A 92 -2.97 -21.58 12.10
CA LEU A 92 -2.06 -22.10 13.08
C LEU A 92 -2.77 -22.20 14.43
N SER A 11 8.18 10.40 -18.65
CA SER A 11 7.49 11.31 -17.72
C SER A 11 8.49 11.91 -16.73
N PRO A 12 8.76 13.22 -16.85
CA PRO A 12 9.67 13.94 -15.95
C PRO A 12 9.22 13.88 -14.49
N GLN A 13 7.92 14.00 -14.27
CA GLN A 13 7.36 13.90 -12.93
C GLN A 13 6.68 12.56 -12.74
N LYS A 14 7.34 11.67 -12.04
CA LYS A 14 6.81 10.33 -11.84
C LYS A 14 6.13 10.22 -10.48
N PRO A 15 4.79 10.07 -10.48
CA PRO A 15 4.02 9.98 -9.24
C PRO A 15 4.20 8.62 -8.56
N ILE A 16 4.52 8.66 -7.28
CA ILE A 16 4.76 7.43 -6.51
C ILE A 16 4.07 7.50 -5.15
N VAL A 17 3.91 6.35 -4.53
CA VAL A 17 3.41 6.27 -3.17
C VAL A 17 4.38 5.45 -2.34
N ARG A 18 4.82 6.01 -1.23
CA ARG A 18 5.73 5.31 -0.34
C ARG A 18 4.98 4.48 0.67
N VAL A 19 5.03 3.18 0.48
CA VAL A 19 4.29 2.23 1.29
C VAL A 19 5.15 1.70 2.42
N PHE A 20 4.70 1.86 3.64
CA PHE A 20 5.38 1.28 4.77
C PHE A 20 4.90 -0.14 5.01
N LEU A 21 5.71 -1.10 4.58
CA LEU A 21 5.39 -2.51 4.75
C LEU A 21 5.32 -2.86 6.23
N PRO A 22 4.79 -4.05 6.56
CA PRO A 22 4.89 -4.60 7.90
C PRO A 22 6.33 -4.57 8.41
N ASN A 23 6.52 -4.61 9.72
CA ASN A 23 7.85 -4.48 10.34
C ASN A 23 8.38 -3.05 10.19
N LYS A 24 7.48 -2.15 9.80
CA LYS A 24 7.75 -0.72 9.72
C LYS A 24 8.88 -0.38 8.73
N GLN A 25 8.88 -1.07 7.60
CA GLN A 25 9.80 -0.75 6.53
C GLN A 25 9.07 0.08 5.49
N ARG A 26 9.75 0.59 4.46
CA ARG A 26 9.07 1.36 3.44
C ARG A 26 9.58 1.02 2.04
N THR A 27 8.65 0.75 1.15
CA THR A 27 8.92 0.50 -0.23
C THR A 27 8.03 1.40 -1.09
N VAL A 28 8.58 2.01 -2.12
CA VAL A 28 7.80 2.94 -2.94
C VAL A 28 7.23 2.22 -4.15
N VAL A 29 6.03 2.62 -4.54
CA VAL A 29 5.40 2.09 -5.74
C VAL A 29 4.74 3.23 -6.52
N PRO A 30 5.10 3.38 -7.80
CA PRO A 30 4.50 4.39 -8.68
C PRO A 30 2.99 4.35 -8.66
N ALA A 31 2.39 5.52 -8.52
CA ALA A 31 0.95 5.64 -8.51
C ALA A 31 0.38 5.15 -9.83
N ARG A 32 -0.29 4.03 -9.78
CA ARG A 32 -0.78 3.37 -10.97
C ARG A 32 -2.25 3.68 -11.21
N CYS A 33 -2.51 4.43 -12.29
CA CYS A 33 -3.87 4.78 -12.67
C CYS A 33 -4.55 3.60 -13.33
N GLY A 34 -5.80 3.36 -12.95
CA GLY A 34 -6.51 2.19 -13.43
C GLY A 34 -5.99 0.92 -12.79
N VAL A 35 -5.24 1.11 -11.71
CA VAL A 35 -4.65 0.01 -10.97
C VAL A 35 -5.00 0.15 -9.50
N THR A 36 -5.22 -0.98 -8.86
CA THR A 36 -5.66 -1.00 -7.49
C THR A 36 -4.45 -1.12 -6.59
N VAL A 37 -4.65 -0.94 -5.30
CA VAL A 37 -3.57 -1.16 -4.36
C VAL A 37 -3.13 -2.61 -4.46
N ARG A 38 -4.01 -3.47 -4.95
CA ARG A 38 -3.74 -4.89 -5.04
C ARG A 38 -2.56 -5.19 -5.97
N ASP A 39 -2.49 -4.51 -7.10
CA ASP A 39 -1.41 -4.71 -8.03
C ASP A 39 -0.15 -4.01 -7.54
N SER A 40 -0.31 -2.74 -7.22
CA SER A 40 0.80 -1.90 -6.85
C SER A 40 1.46 -2.39 -5.56
N LEU A 41 0.63 -2.71 -4.58
CA LEU A 41 1.12 -3.24 -3.33
C LEU A 41 1.61 -4.68 -3.48
N LYS A 42 1.06 -5.41 -4.45
CA LYS A 42 1.51 -6.79 -4.67
C LYS A 42 3.02 -6.82 -4.88
N LYS A 43 3.52 -5.87 -5.67
CA LYS A 43 4.97 -5.75 -5.84
C LYS A 43 5.61 -5.34 -4.52
N ALA A 44 5.01 -4.32 -3.89
CA ALA A 44 5.52 -3.77 -2.64
C ALA A 44 5.78 -4.87 -1.61
N LEU A 45 4.79 -5.73 -1.42
CA LEU A 45 4.90 -6.85 -0.52
C LEU A 45 5.91 -7.87 -1.04
N MET A 46 5.74 -8.29 -2.29
CA MET A 46 6.55 -9.36 -2.87
C MET A 46 8.04 -9.03 -2.88
N MET A 47 8.39 -7.75 -2.92
CA MET A 47 9.80 -7.37 -2.92
C MET A 47 10.47 -7.73 -1.61
N ARG A 48 9.72 -7.62 -0.52
CA ARG A 48 10.21 -8.03 0.79
C ARG A 48 9.88 -9.47 1.09
N GLY A 49 9.21 -10.10 0.14
CA GLY A 49 8.81 -11.48 0.30
C GLY A 49 7.49 -11.60 1.01
N LEU A 50 6.79 -10.49 1.10
CA LEU A 50 5.53 -10.42 1.81
C LEU A 50 4.39 -10.74 0.87
N ILE A 51 3.24 -11.10 1.42
CA ILE A 51 2.09 -11.42 0.60
C ILE A 51 0.87 -10.61 1.01
N PRO A 52 0.08 -10.18 0.02
CA PRO A 52 -1.15 -9.40 0.25
C PRO A 52 -2.27 -10.25 0.83
N GLU A 53 -2.07 -11.56 0.84
CA GLU A 53 -3.08 -12.50 1.30
C GLU A 53 -3.37 -12.32 2.78
N CYS A 54 -2.35 -11.98 3.55
CA CYS A 54 -2.48 -11.87 5.00
C CYS A 54 -2.20 -10.46 5.51
N CYS A 55 -2.20 -9.48 4.62
CA CYS A 55 -1.85 -8.12 5.01
C CYS A 55 -2.96 -7.14 4.65
N ALA A 56 -2.92 -5.94 5.23
CA ALA A 56 -3.95 -4.93 5.01
C ALA A 56 -3.34 -3.59 4.63
N VAL A 57 -4.08 -2.77 3.93
CA VAL A 57 -3.55 -1.49 3.47
C VAL A 57 -4.24 -0.33 4.17
N TYR A 58 -3.43 0.56 4.72
CA TYR A 58 -3.88 1.74 5.42
C TYR A 58 -3.16 2.97 4.87
N ARG A 59 -3.72 4.13 5.15
CA ARG A 59 -3.06 5.40 4.83
C ARG A 59 -3.27 6.38 5.96
N ILE A 60 -2.20 7.05 6.35
CA ILE A 60 -2.23 7.93 7.50
C ILE A 60 -2.58 9.35 7.09
N GLN A 61 -3.65 9.87 7.67
CA GLN A 61 -4.08 11.24 7.42
C GLN A 61 -3.64 12.10 8.61
N ASP A 62 -4.50 13.04 9.02
CA ASP A 62 -4.19 13.96 10.13
C ASP A 62 -3.85 13.22 11.42
N GLY A 63 -2.60 12.77 11.53
CA GLY A 63 -2.17 12.00 12.67
C GLY A 63 -2.94 10.70 12.84
N GLU A 64 -3.79 10.39 11.86
CA GLU A 64 -4.71 9.26 11.99
C GLU A 64 -4.48 8.23 10.90
N LYS A 65 -5.29 7.19 10.93
CA LYS A 65 -5.21 6.10 9.98
C LYS A 65 -6.54 5.91 9.26
N LYS A 66 -6.47 5.60 7.98
CA LYS A 66 -7.64 5.27 7.19
C LYS A 66 -7.40 3.93 6.50
N PRO A 67 -8.24 2.93 6.76
CA PRO A 67 -8.11 1.62 6.13
C PRO A 67 -8.57 1.62 4.69
N ILE A 68 -7.73 1.09 3.82
CA ILE A 68 -7.97 1.13 2.39
C ILE A 68 -8.54 -0.19 1.89
N GLY A 69 -9.21 -0.12 0.74
CA GLY A 69 -9.72 -1.30 0.09
C GLY A 69 -8.77 -1.73 -1.00
N TRP A 70 -8.66 -3.03 -1.23
CA TRP A 70 -7.68 -3.54 -2.18
C TRP A 70 -8.03 -3.18 -3.62
N ASP A 71 -9.25 -2.72 -3.84
CA ASP A 71 -9.70 -2.34 -5.15
C ASP A 71 -9.60 -0.83 -5.33
N THR A 72 -8.99 -0.16 -4.36
CA THR A 72 -8.83 1.28 -4.40
C THR A 72 -7.72 1.67 -5.38
N ASP A 73 -8.04 2.59 -6.27
CA ASP A 73 -7.06 3.09 -7.24
C ASP A 73 -5.93 3.80 -6.52
N ILE A 74 -4.75 3.18 -6.54
CA ILE A 74 -3.58 3.72 -5.86
C ILE A 74 -3.18 5.09 -6.44
N SER A 75 -3.68 5.37 -7.64
CA SER A 75 -3.36 6.61 -8.32
C SER A 75 -3.92 7.84 -7.59
N TRP A 76 -4.86 7.62 -6.67
CA TRP A 76 -5.45 8.72 -5.93
C TRP A 76 -4.61 9.05 -4.70
N LEU A 77 -3.96 8.04 -4.14
CA LEU A 77 -3.21 8.20 -2.92
C LEU A 77 -1.78 8.67 -3.19
N THR A 78 -1.53 9.15 -4.40
CA THR A 78 -0.24 9.76 -4.71
C THR A 78 0.05 10.92 -3.77
N GLY A 79 1.31 11.18 -3.53
CA GLY A 79 1.71 12.25 -2.63
C GLY A 79 1.58 11.86 -1.16
N GLU A 80 1.12 10.65 -0.91
CA GLU A 80 0.94 10.18 0.45
C GLU A 80 1.87 9.01 0.76
N GLU A 81 2.01 8.71 2.03
CA GLU A 81 2.72 7.52 2.45
C GLU A 81 1.75 6.54 3.08
N LEU A 82 1.73 5.34 2.55
CA LEU A 82 0.79 4.31 2.99
C LEU A 82 1.44 3.41 4.02
N HIS A 83 0.64 2.60 4.69
CA HIS A 83 1.13 1.67 5.69
C HIS A 83 0.39 0.36 5.57
N VAL A 84 1.10 -0.74 5.50
CA VAL A 84 0.46 -2.05 5.41
C VAL A 84 0.56 -2.76 6.75
N GLU A 85 -0.54 -3.38 7.13
CA GLU A 85 -0.66 -4.10 8.37
C GLU A 85 -0.69 -5.57 8.04
N VAL A 86 -0.61 -6.42 9.04
CA VAL A 86 -0.83 -7.83 8.84
C VAL A 86 -2.07 -8.25 9.60
N LEU A 87 -2.97 -8.94 8.93
CA LEU A 87 -4.20 -9.40 9.55
C LEU A 87 -3.93 -10.62 10.43
N GLU A 88 -3.44 -10.36 11.63
CA GLU A 88 -3.09 -11.42 12.57
C GLU A 88 -4.20 -11.63 13.59
N ASN A 89 -4.79 -12.82 13.56
CA ASN A 89 -5.85 -13.19 14.50
C ASN A 89 -7.01 -12.21 14.45
N VAL A 90 -7.51 -12.00 13.26
CA VAL A 90 -8.67 -11.15 13.06
C VAL A 90 -9.95 -11.98 13.20
N PRO A 91 -11.07 -11.35 13.56
CA PRO A 91 -12.37 -12.04 13.70
C PRO A 91 -12.95 -12.45 12.35
N LEU A 92 -12.26 -13.36 11.68
CA LEU A 92 -12.68 -13.85 10.37
C LEU A 92 -12.09 -15.24 10.16
N SER A 11 10.03 14.67 -19.63
CA SER A 11 9.63 13.28 -19.33
C SER A 11 8.46 13.28 -18.34
N PRO A 12 7.40 12.51 -18.64
CA PRO A 12 6.27 12.33 -17.71
C PRO A 12 6.73 11.79 -16.37
N GLN A 13 6.66 12.62 -15.34
CA GLN A 13 7.20 12.25 -14.04
C GLN A 13 6.39 11.11 -13.42
N LYS A 14 7.08 10.03 -13.09
CA LYS A 14 6.44 8.84 -12.53
C LYS A 14 5.99 9.10 -11.09
N PRO A 15 4.68 9.00 -10.84
CA PRO A 15 4.11 9.16 -9.50
C PRO A 15 4.33 7.92 -8.64
N ILE A 16 4.50 8.10 -7.34
CA ILE A 16 4.72 6.98 -6.43
C ILE A 16 4.02 7.19 -5.08
N VAL A 17 3.69 6.07 -4.45
CA VAL A 17 3.14 6.06 -3.11
C VAL A 17 4.09 5.29 -2.22
N ARG A 18 4.56 5.93 -1.17
CA ARG A 18 5.54 5.33 -0.28
C ARG A 18 4.84 4.49 0.79
N VAL A 19 4.85 3.20 0.58
CA VAL A 19 4.13 2.25 1.42
C VAL A 19 4.99 1.72 2.55
N PHE A 20 4.57 1.93 3.78
CA PHE A 20 5.27 1.37 4.92
C PHE A 20 4.80 -0.05 5.16
N LEU A 21 5.62 -0.99 4.73
CA LEU A 21 5.32 -2.41 4.81
C LEU A 21 5.23 -2.88 6.27
N PRO A 22 4.64 -4.06 6.50
CA PRO A 22 4.62 -4.70 7.82
C PRO A 22 5.98 -4.68 8.51
N ASN A 23 5.95 -4.56 9.83
CA ASN A 23 7.16 -4.51 10.66
C ASN A 23 7.99 -3.28 10.35
N LYS A 24 7.29 -2.17 10.22
CA LYS A 24 7.89 -0.84 10.16
C LYS A 24 8.89 -0.71 9.01
N GLN A 25 8.63 -1.42 7.93
CA GLN A 25 9.43 -1.34 6.74
C GLN A 25 8.79 -0.33 5.79
N ARG A 26 9.45 -0.02 4.69
CA ARG A 26 8.84 0.82 3.68
C ARG A 26 9.34 0.49 2.28
N THR A 27 8.41 0.46 1.36
CA THR A 27 8.69 0.32 -0.04
C THR A 27 7.75 1.26 -0.81
N VAL A 28 8.27 2.01 -1.76
CA VAL A 28 7.44 2.91 -2.51
C VAL A 28 7.03 2.25 -3.83
N VAL A 29 5.78 2.40 -4.21
CA VAL A 29 5.28 1.82 -5.45
C VAL A 29 4.68 2.91 -6.32
N PRO A 30 5.06 2.98 -7.61
CA PRO A 30 4.51 3.92 -8.56
C PRO A 30 2.99 3.90 -8.54
N ALA A 31 2.41 5.09 -8.42
CA ALA A 31 0.96 5.25 -8.37
C ALA A 31 0.35 4.97 -9.72
N ARG A 32 0.25 3.69 -10.02
CA ARG A 32 -0.31 3.21 -11.27
C ARG A 32 -1.74 3.69 -11.44
N CYS A 33 -2.05 4.21 -12.62
CA CYS A 33 -3.38 4.74 -12.91
C CYS A 33 -4.25 3.69 -13.58
N GLY A 34 -5.49 3.59 -13.12
CA GLY A 34 -6.38 2.57 -13.63
C GLY A 34 -6.07 1.22 -13.03
N VAL A 35 -5.42 1.23 -11.88
CA VAL A 35 -5.01 0.01 -11.20
C VAL A 35 -5.60 -0.01 -9.80
N THR A 36 -5.46 -1.14 -9.13
CA THR A 36 -5.90 -1.26 -7.77
C THR A 36 -4.70 -1.26 -6.84
N VAL A 37 -4.94 -0.97 -5.58
CA VAL A 37 -3.91 -1.09 -4.56
C VAL A 37 -3.34 -2.50 -4.61
N ARG A 38 -4.19 -3.46 -4.95
CA ARG A 38 -3.82 -4.85 -5.02
C ARG A 38 -2.62 -5.10 -5.92
N ASP A 39 -2.66 -4.58 -7.13
CA ASP A 39 -1.62 -4.82 -8.11
C ASP A 39 -0.34 -4.09 -7.72
N SER A 40 -0.50 -2.82 -7.38
CA SER A 40 0.62 -1.98 -7.04
C SER A 40 1.30 -2.47 -5.76
N LEU A 41 0.51 -2.73 -4.74
CA LEU A 41 1.03 -3.28 -3.50
C LEU A 41 1.52 -4.71 -3.68
N LYS A 42 0.98 -5.41 -4.68
CA LYS A 42 1.44 -6.76 -5.01
C LYS A 42 2.94 -6.73 -5.25
N LYS A 43 3.42 -5.67 -5.92
CA LYS A 43 4.85 -5.46 -6.05
C LYS A 43 5.46 -5.14 -4.69
N ALA A 44 4.83 -4.20 -3.98
CA ALA A 44 5.34 -3.71 -2.70
C ALA A 44 5.68 -4.84 -1.75
N LEU A 45 4.71 -5.71 -1.50
CA LEU A 45 4.92 -6.86 -0.63
C LEU A 45 5.98 -7.80 -1.23
N MET A 46 5.78 -8.20 -2.48
CA MET A 46 6.63 -9.21 -3.11
C MET A 46 8.11 -8.81 -3.15
N MET A 47 8.42 -7.51 -3.18
CA MET A 47 9.81 -7.07 -3.24
C MET A 47 10.55 -7.41 -1.95
N ARG A 48 9.81 -7.59 -0.87
CA ARG A 48 10.40 -7.99 0.40
C ARG A 48 9.97 -9.38 0.80
N GLY A 49 9.44 -10.09 -0.17
CA GLY A 49 8.99 -11.45 0.03
C GLY A 49 7.77 -11.51 0.90
N LEU A 50 7.02 -10.43 0.90
CA LEU A 50 5.78 -10.34 1.67
C LEU A 50 4.62 -10.67 0.75
N ILE A 51 3.47 -10.97 1.33
CA ILE A 51 2.30 -11.29 0.53
C ILE A 51 1.10 -10.44 0.96
N PRO A 52 0.33 -9.95 -0.02
CA PRO A 52 -0.83 -9.09 0.22
C PRO A 52 -1.98 -9.82 0.89
N GLU A 53 -1.85 -11.14 0.99
CA GLU A 53 -2.86 -11.96 1.65
C GLU A 53 -2.95 -11.61 3.12
N CYS A 54 -1.79 -11.53 3.76
CA CYS A 54 -1.71 -11.32 5.19
C CYS A 54 -1.39 -9.87 5.53
N CYS A 55 -1.67 -8.97 4.59
CA CYS A 55 -1.34 -7.57 4.80
C CYS A 55 -2.55 -6.68 4.50
N ALA A 56 -2.63 -5.54 5.20
CA ALA A 56 -3.74 -4.60 5.03
C ALA A 56 -3.20 -3.22 4.71
N VAL A 57 -4.00 -2.39 4.06
CA VAL A 57 -3.53 -1.07 3.68
C VAL A 57 -4.29 0.04 4.39
N TYR A 58 -3.53 0.89 5.06
CA TYR A 58 -4.05 2.06 5.75
C TYR A 58 -3.37 3.32 5.21
N ARG A 59 -3.95 4.47 5.51
CA ARG A 59 -3.32 5.75 5.24
C ARG A 59 -3.61 6.73 6.37
N ILE A 60 -2.57 7.37 6.84
CA ILE A 60 -2.70 8.26 7.99
C ILE A 60 -3.02 9.68 7.55
N GLN A 61 -4.14 10.20 8.05
CA GLN A 61 -4.53 11.57 7.80
C GLN A 61 -4.22 12.40 9.05
N ASP A 62 -5.15 13.27 9.43
CA ASP A 62 -4.98 14.19 10.57
C ASP A 62 -4.70 13.43 11.88
N GLY A 63 -3.45 12.99 12.05
CA GLY A 63 -3.07 12.21 13.20
C GLY A 63 -3.85 10.91 13.30
N GLU A 64 -4.58 10.58 12.25
CA GLU A 64 -5.49 9.45 12.29
C GLU A 64 -5.14 8.41 11.24
N LYS A 65 -5.90 7.33 11.21
CA LYS A 65 -5.71 6.25 10.26
C LYS A 65 -6.99 5.99 9.49
N LYS A 66 -6.84 5.79 8.20
CA LYS A 66 -7.95 5.43 7.33
C LYS A 66 -7.65 4.09 6.68
N PRO A 67 -8.46 3.05 6.93
CA PRO A 67 -8.26 1.75 6.31
C PRO A 67 -8.67 1.75 4.84
N ILE A 68 -7.82 1.18 4.00
CA ILE A 68 -7.99 1.24 2.56
C ILE A 68 -8.48 -0.09 1.99
N GLY A 69 -9.15 0.01 0.85
CA GLY A 69 -9.60 -1.17 0.14
C GLY A 69 -8.65 -1.51 -0.98
N TRP A 70 -8.56 -2.78 -1.34
CA TRP A 70 -7.57 -3.24 -2.29
C TRP A 70 -7.91 -2.86 -3.73
N ASP A 71 -9.13 -2.43 -3.97
CA ASP A 71 -9.54 -2.04 -5.31
C ASP A 71 -9.54 -0.53 -5.47
N THR A 72 -9.02 0.14 -4.47
CA THR A 72 -8.86 1.58 -4.53
C THR A 72 -7.78 1.93 -5.54
N ASP A 73 -8.02 2.94 -6.36
CA ASP A 73 -7.03 3.38 -7.32
C ASP A 73 -5.88 4.04 -6.59
N ILE A 74 -4.75 3.33 -6.54
CA ILE A 74 -3.53 3.83 -5.88
C ILE A 74 -3.07 5.16 -6.47
N SER A 75 -3.56 5.45 -7.68
CA SER A 75 -3.21 6.68 -8.36
C SER A 75 -3.76 7.92 -7.65
N TRP A 76 -4.61 7.70 -6.64
CA TRP A 76 -5.13 8.80 -5.85
C TRP A 76 -4.23 9.10 -4.66
N LEU A 77 -3.64 8.05 -4.11
CA LEU A 77 -2.86 8.16 -2.89
C LEU A 77 -1.42 8.57 -3.17
N THR A 78 -1.15 9.03 -4.40
CA THR A 78 0.19 9.50 -4.76
C THR A 78 0.70 10.54 -3.77
N GLY A 79 2.01 10.58 -3.62
CA GLY A 79 2.65 11.52 -2.71
C GLY A 79 2.58 11.08 -1.25
N GLU A 80 1.52 10.38 -0.91
CA GLU A 80 1.27 10.01 0.47
C GLU A 80 2.12 8.81 0.89
N GLU A 81 2.22 8.63 2.20
CA GLU A 81 2.83 7.46 2.76
C GLU A 81 1.75 6.55 3.30
N LEU A 82 1.62 5.39 2.71
CA LEU A 82 0.61 4.45 3.14
C LEU A 82 1.23 3.50 4.14
N HIS A 83 0.42 2.91 4.99
CA HIS A 83 0.93 2.02 6.00
C HIS A 83 0.24 0.68 5.92
N VAL A 84 1.00 -0.36 5.70
CA VAL A 84 0.43 -1.69 5.56
C VAL A 84 0.61 -2.46 6.85
N GLU A 85 -0.47 -3.11 7.26
CA GLU A 85 -0.54 -3.79 8.52
C GLU A 85 -0.49 -5.27 8.29
N VAL A 86 -0.15 -6.02 9.29
CA VAL A 86 -0.07 -7.44 9.14
C VAL A 86 -1.26 -8.12 9.80
N LEU A 87 -2.12 -8.64 8.94
CA LEU A 87 -3.35 -9.26 9.37
C LEU A 87 -3.10 -10.67 9.90
N GLU A 88 -2.68 -10.74 11.15
CA GLU A 88 -2.45 -12.01 11.79
C GLU A 88 -3.76 -12.58 12.31
N ASN A 89 -4.37 -13.45 11.53
CA ASN A 89 -5.67 -14.00 11.87
C ASN A 89 -5.57 -15.48 12.17
N VAL A 90 -4.76 -15.79 13.19
CA VAL A 90 -4.51 -17.15 13.66
C VAL A 90 -4.40 -18.16 12.51
N PRO A 91 -3.30 -18.09 11.73
CA PRO A 91 -3.07 -18.99 10.60
C PRO A 91 -2.95 -20.44 11.06
N LEU A 92 -3.37 -21.37 10.21
CA LEU A 92 -3.32 -22.78 10.54
C LEU A 92 -1.89 -23.29 10.45
N SER A 11 9.34 16.40 -19.63
CA SER A 11 10.09 15.75 -18.54
C SER A 11 9.27 14.61 -17.97
N PRO A 12 9.83 13.38 -17.99
CA PRO A 12 9.19 12.20 -17.43
C PRO A 12 8.90 12.36 -15.95
N GLN A 13 7.64 12.59 -15.61
CA GLN A 13 7.25 12.76 -14.23
C GLN A 13 6.54 11.50 -13.75
N LYS A 14 7.26 10.66 -13.05
CA LYS A 14 6.70 9.42 -12.55
C LYS A 14 6.11 9.62 -11.16
N PRO A 15 4.81 9.37 -11.01
CA PRO A 15 4.14 9.48 -9.72
C PRO A 15 4.37 8.24 -8.86
N ILE A 16 4.57 8.43 -7.57
CA ILE A 16 4.80 7.32 -6.64
C ILE A 16 4.05 7.51 -5.34
N VAL A 17 3.85 6.44 -4.62
CA VAL A 17 3.32 6.48 -3.28
C VAL A 17 4.14 5.57 -2.38
N ARG A 18 4.62 6.13 -1.29
CA ARG A 18 5.57 5.47 -0.44
C ARG A 18 4.87 4.64 0.63
N VAL A 19 4.95 3.34 0.45
CA VAL A 19 4.24 2.38 1.27
C VAL A 19 5.13 1.82 2.39
N PHE A 20 4.71 1.97 3.63
CA PHE A 20 5.48 1.44 4.74
C PHE A 20 5.03 0.03 5.07
N LEU A 21 5.83 -0.94 4.63
CA LEU A 21 5.49 -2.34 4.78
C LEU A 21 5.50 -2.76 6.24
N PRO A 22 5.00 -3.97 6.54
CA PRO A 22 5.23 -4.62 7.83
C PRO A 22 6.72 -4.65 8.14
N ASN A 23 7.06 -4.71 9.43
CA ASN A 23 8.46 -4.62 9.90
C ASN A 23 8.93 -3.16 9.88
N LYS A 24 7.96 -2.26 9.69
CA LYS A 24 8.19 -0.81 9.79
C LYS A 24 9.19 -0.28 8.77
N GLN A 25 9.21 -0.90 7.60
CA GLN A 25 10.04 -0.45 6.51
C GLN A 25 9.20 0.30 5.51
N ARG A 26 9.80 0.77 4.42
CA ARG A 26 9.04 1.41 3.39
C ARG A 26 9.54 1.00 2.01
N THR A 27 8.59 0.75 1.14
CA THR A 27 8.82 0.54 -0.25
C THR A 27 7.87 1.45 -1.00
N VAL A 28 8.38 2.24 -1.91
CA VAL A 28 7.53 3.15 -2.63
C VAL A 28 7.11 2.51 -3.94
N VAL A 29 5.84 2.61 -4.28
CA VAL A 29 5.36 2.05 -5.53
C VAL A 29 4.78 3.17 -6.41
N PRO A 30 5.23 3.23 -7.68
CA PRO A 30 4.69 4.18 -8.65
C PRO A 30 3.18 4.10 -8.70
N ALA A 31 2.54 5.26 -8.67
CA ALA A 31 1.09 5.34 -8.65
C ALA A 31 0.52 4.79 -9.94
N ARG A 32 0.29 3.49 -9.95
CA ARG A 32 -0.17 2.78 -11.13
C ARG A 32 -1.59 3.21 -11.49
N CYS A 33 -1.72 3.90 -12.60
CA CYS A 33 -3.02 4.33 -13.09
C CYS A 33 -3.75 3.18 -13.74
N GLY A 34 -4.99 2.97 -13.36
CA GLY A 34 -5.74 1.81 -13.82
C GLY A 34 -5.44 0.60 -12.96
N VAL A 35 -4.67 0.82 -11.92
CA VAL A 35 -4.28 -0.23 -11.00
C VAL A 35 -4.81 0.09 -9.61
N THR A 36 -5.20 -0.95 -8.90
CA THR A 36 -5.72 -0.82 -7.58
C THR A 36 -4.60 -1.01 -6.57
N VAL A 37 -4.89 -0.77 -5.31
CA VAL A 37 -3.95 -1.09 -4.25
C VAL A 37 -3.45 -2.52 -4.41
N ARG A 38 -4.34 -3.38 -4.91
CA ARG A 38 -4.04 -4.79 -5.12
C ARG A 38 -2.73 -5.00 -5.89
N ASP A 39 -2.64 -4.52 -7.12
CA ASP A 39 -1.48 -4.83 -7.96
C ASP A 39 -0.27 -4.02 -7.56
N SER A 40 -0.51 -2.80 -7.16
CA SER A 40 0.57 -1.92 -6.78
C SER A 40 1.25 -2.44 -5.53
N LEU A 41 0.45 -2.75 -4.53
CA LEU A 41 0.94 -3.34 -3.32
C LEU A 41 1.42 -4.77 -3.56
N LYS A 42 0.94 -5.41 -4.62
CA LYS A 42 1.49 -6.71 -5.02
C LYS A 42 3.01 -6.61 -5.05
N LYS A 43 3.52 -5.61 -5.74
CA LYS A 43 4.97 -5.35 -5.73
C LYS A 43 5.45 -5.08 -4.31
N ALA A 44 4.78 -4.14 -3.65
CA ALA A 44 5.21 -3.68 -2.33
C ALA A 44 5.44 -4.83 -1.36
N LEU A 45 4.46 -5.73 -1.28
CA LEU A 45 4.56 -6.89 -0.41
C LEU A 45 5.57 -7.89 -0.94
N MET A 46 5.48 -8.20 -2.23
CA MET A 46 6.36 -9.20 -2.83
C MET A 46 7.82 -8.85 -2.70
N MET A 47 8.14 -7.56 -2.61
CA MET A 47 9.53 -7.14 -2.45
C MET A 47 10.01 -7.43 -1.04
N ARG A 48 9.10 -7.35 -0.07
CA ARG A 48 9.37 -7.79 1.29
C ARG A 48 9.37 -9.31 1.38
N GLY A 49 8.69 -9.94 0.42
CA GLY A 49 8.52 -11.37 0.44
C GLY A 49 7.15 -11.78 0.96
N LEU A 50 6.27 -10.78 1.05
CA LEU A 50 4.94 -10.98 1.60
C LEU A 50 3.89 -10.98 0.48
N ILE A 51 2.65 -11.21 0.85
CA ILE A 51 1.56 -11.17 -0.10
C ILE A 51 0.47 -10.21 0.36
N PRO A 52 -0.16 -9.52 -0.59
CA PRO A 52 -1.21 -8.53 -0.31
C PRO A 52 -2.50 -9.15 0.22
N GLU A 53 -2.51 -10.48 0.27
CA GLU A 53 -3.70 -11.20 0.71
C GLU A 53 -3.72 -11.35 2.24
N CYS A 54 -2.53 -11.36 2.83
CA CYS A 54 -2.42 -11.51 4.28
C CYS A 54 -1.90 -10.22 4.93
N CYS A 55 -2.02 -9.12 4.22
CA CYS A 55 -1.57 -7.83 4.73
C CYS A 55 -2.67 -6.78 4.53
N ALA A 56 -2.58 -5.65 5.22
CA ALA A 56 -3.58 -4.60 5.12
C ALA A 56 -2.95 -3.25 4.86
N VAL A 57 -3.62 -2.40 4.12
CA VAL A 57 -3.08 -1.10 3.87
C VAL A 57 -3.88 -0.02 4.56
N TYR A 58 -3.15 0.81 5.25
CA TYR A 58 -3.68 1.93 5.99
C TYR A 58 -3.03 3.22 5.51
N ARG A 59 -3.62 4.33 5.89
CA ARG A 59 -3.00 5.62 5.70
C ARG A 59 -3.43 6.54 6.84
N ILE A 60 -2.47 7.23 7.42
CA ILE A 60 -2.74 8.05 8.59
C ILE A 60 -3.27 9.41 8.18
N GLN A 61 -4.49 9.69 8.62
CA GLN A 61 -5.11 10.97 8.37
C GLN A 61 -4.99 11.80 9.63
N ASP A 62 -6.03 12.55 9.97
CA ASP A 62 -6.01 13.46 11.13
C ASP A 62 -5.66 12.74 12.43
N GLY A 63 -4.37 12.53 12.65
CA GLY A 63 -3.89 11.86 13.85
C GLY A 63 -4.38 10.42 13.96
N GLU A 64 -5.03 9.92 12.93
CA GLU A 64 -5.64 8.60 12.99
C GLU A 64 -5.26 7.75 11.80
N LYS A 65 -5.78 6.54 11.78
CA LYS A 65 -5.49 5.59 10.73
C LYS A 65 -6.75 5.30 9.91
N LYS A 66 -6.57 5.23 8.61
CA LYS A 66 -7.65 4.88 7.70
C LYS A 66 -7.30 3.59 6.97
N PRO A 67 -8.03 2.50 7.26
CA PRO A 67 -7.84 1.25 6.53
C PRO A 67 -8.43 1.32 5.13
N ILE A 68 -7.57 1.09 4.16
CA ILE A 68 -7.93 1.31 2.76
C ILE A 68 -8.45 0.02 2.11
N GLY A 69 -9.19 0.18 1.03
CA GLY A 69 -9.67 -0.96 0.28
C GLY A 69 -8.72 -1.32 -0.83
N TRP A 70 -8.58 -2.61 -1.10
CA TRP A 70 -7.60 -3.08 -2.06
C TRP A 70 -8.02 -2.76 -3.50
N ASP A 71 -9.27 -2.41 -3.68
CA ASP A 71 -9.79 -2.09 -4.99
C ASP A 71 -9.82 -0.58 -5.19
N THR A 72 -9.04 0.11 -4.39
CA THR A 72 -8.90 1.55 -4.50
C THR A 72 -7.85 1.89 -5.55
N ASP A 73 -8.23 2.73 -6.51
CA ASP A 73 -7.33 3.15 -7.58
C ASP A 73 -6.15 3.92 -7.00
N ILE A 74 -4.98 3.29 -7.03
CA ILE A 74 -3.81 3.82 -6.32
C ILE A 74 -3.30 5.13 -6.94
N SER A 75 -3.76 5.46 -8.14
CA SER A 75 -3.34 6.68 -8.79
C SER A 75 -3.90 7.91 -8.07
N TRP A 76 -4.87 7.68 -7.19
CA TRP A 76 -5.43 8.76 -6.38
C TRP A 76 -4.66 8.89 -5.07
N LEU A 77 -3.86 7.87 -4.76
CA LEU A 77 -3.12 7.82 -3.51
C LEU A 77 -1.66 8.20 -3.70
N THR A 78 -1.35 8.86 -4.82
CA THR A 78 0.00 9.31 -5.10
C THR A 78 0.48 10.29 -4.03
N GLY A 79 1.80 10.35 -3.85
CA GLY A 79 2.40 11.29 -2.90
C GLY A 79 2.28 10.86 -1.44
N GLU A 80 1.23 10.12 -1.14
CA GLU A 80 0.93 9.74 0.24
C GLU A 80 1.94 8.73 0.77
N GLU A 81 1.96 8.57 2.07
CA GLU A 81 2.72 7.50 2.69
C GLU A 81 1.74 6.51 3.32
N LEU A 82 1.81 5.30 2.85
CA LEU A 82 0.90 4.26 3.29
C LEU A 82 1.54 3.43 4.38
N HIS A 83 0.72 2.73 5.16
CA HIS A 83 1.23 1.87 6.22
C HIS A 83 0.55 0.52 6.14
N VAL A 84 1.31 -0.53 5.91
CA VAL A 84 0.74 -1.85 5.74
C VAL A 84 0.90 -2.68 7.00
N GLU A 85 -0.19 -3.32 7.37
CA GLU A 85 -0.25 -4.19 8.52
C GLU A 85 -0.34 -5.62 8.02
N VAL A 86 -0.38 -6.58 8.91
CA VAL A 86 -0.62 -7.96 8.53
C VAL A 86 -1.95 -8.45 9.08
N LEU A 87 -2.72 -9.10 8.24
CA LEU A 87 -3.96 -9.72 8.67
C LEU A 87 -3.66 -11.01 9.40
N GLU A 88 -3.32 -10.91 10.68
CA GLU A 88 -3.04 -12.07 11.49
C GLU A 88 -4.34 -12.80 11.80
N ASN A 89 -4.63 -13.83 11.01
CA ASN A 89 -5.86 -14.58 11.18
C ASN A 89 -5.69 -15.63 12.26
N VAL A 90 -5.48 -15.14 13.48
CA VAL A 90 -5.40 -16.00 14.65
C VAL A 90 -6.70 -16.79 14.83
N PRO A 91 -6.59 -18.09 15.12
CA PRO A 91 -7.76 -18.95 15.30
C PRO A 91 -8.53 -18.64 16.58
N LEU A 92 -9.43 -17.69 16.50
CA LEU A 92 -10.26 -17.32 17.63
C LEU A 92 -11.71 -17.70 17.36
N SER A 11 9.63 18.46 -17.25
CA SER A 11 10.24 17.37 -16.45
C SER A 11 9.23 16.25 -16.24
N PRO A 12 9.60 15.01 -16.62
CA PRO A 12 8.70 13.85 -16.52
C PRO A 12 8.06 13.69 -15.14
N GLN A 13 6.76 13.50 -15.13
CA GLN A 13 6.02 13.34 -13.89
C GLN A 13 5.69 11.88 -13.63
N LYS A 14 6.48 11.24 -12.79
CA LYS A 14 6.28 9.85 -12.45
C LYS A 14 5.67 9.76 -11.05
N PRO A 15 4.38 9.42 -10.97
CA PRO A 15 3.66 9.39 -9.69
C PRO A 15 4.00 8.16 -8.86
N ILE A 16 4.34 8.36 -7.59
CA ILE A 16 4.67 7.26 -6.72
C ILE A 16 3.95 7.38 -5.37
N VAL A 17 3.89 6.27 -4.66
CA VAL A 17 3.36 6.23 -3.30
C VAL A 17 4.33 5.46 -2.42
N ARG A 18 4.77 6.08 -1.34
CA ARG A 18 5.70 5.44 -0.42
C ARG A 18 4.94 4.63 0.63
N VAL A 19 4.98 3.33 0.46
CA VAL A 19 4.24 2.41 1.31
C VAL A 19 5.09 1.91 2.47
N PHE A 20 4.72 2.27 3.68
CA PHE A 20 5.40 1.76 4.86
C PHE A 20 4.96 0.34 5.13
N LEU A 21 5.83 -0.59 4.78
CA LEU A 21 5.56 -2.01 4.87
C LEU A 21 5.55 -2.48 6.31
N PRO A 22 5.09 -3.71 6.57
CA PRO A 22 5.23 -4.35 7.87
C PRO A 22 6.68 -4.34 8.34
N ASN A 23 6.88 -4.44 9.66
CA ASN A 23 8.20 -4.33 10.27
C ASN A 23 8.73 -2.91 10.18
N LYS A 24 7.81 -1.98 9.96
CA LYS A 24 8.10 -0.54 9.91
C LYS A 24 9.12 -0.19 8.83
N GLN A 25 9.09 -0.96 7.76
CA GLN A 25 9.92 -0.70 6.60
C GLN A 25 9.13 0.18 5.63
N ARG A 26 9.71 0.55 4.50
CA ARG A 26 8.96 1.26 3.49
C ARG A 26 9.46 0.93 2.09
N THR A 27 8.52 0.58 1.22
CA THR A 27 8.80 0.40 -0.18
C THR A 27 7.93 1.36 -0.98
N VAL A 28 8.50 1.98 -1.98
CA VAL A 28 7.74 2.88 -2.82
C VAL A 28 7.20 2.11 -4.01
N VAL A 29 6.02 2.48 -4.44
CA VAL A 29 5.43 1.89 -5.64
C VAL A 29 4.73 2.99 -6.42
N PRO A 30 4.99 3.10 -7.73
CA PRO A 30 4.32 4.07 -8.59
C PRO A 30 2.82 4.04 -8.43
N ALA A 31 2.22 5.22 -8.33
CA ALA A 31 0.78 5.34 -8.19
C ALA A 31 0.10 4.89 -9.47
N ARG A 32 -0.05 3.59 -9.58
CA ARG A 32 -0.54 2.96 -10.80
C ARG A 32 -1.98 3.38 -11.09
N CYS A 33 -2.15 4.15 -12.15
CA CYS A 33 -3.47 4.62 -12.56
C CYS A 33 -4.15 3.54 -13.40
N GLY A 34 -5.34 3.15 -12.99
CA GLY A 34 -6.02 2.05 -13.64
C GLY A 34 -5.68 0.75 -12.95
N VAL A 35 -4.90 0.86 -11.90
CA VAL A 35 -4.46 -0.29 -11.12
C VAL A 35 -4.96 -0.14 -9.70
N THR A 36 -5.16 -1.26 -9.03
CA THR A 36 -5.69 -1.25 -7.69
C THR A 36 -4.56 -1.35 -6.69
N VAL A 37 -4.85 -1.04 -5.45
CA VAL A 37 -3.90 -1.23 -4.36
C VAL A 37 -3.40 -2.68 -4.38
N ARG A 38 -4.28 -3.58 -4.81
CA ARG A 38 -3.98 -4.99 -4.92
C ARG A 38 -2.72 -5.25 -5.72
N ASP A 39 -2.66 -4.73 -6.93
CA ASP A 39 -1.54 -5.01 -7.83
C ASP A 39 -0.29 -4.27 -7.39
N SER A 40 -0.48 -3.01 -7.03
CA SER A 40 0.62 -2.15 -6.66
C SER A 40 1.27 -2.61 -5.36
N LEU A 41 0.46 -2.85 -4.34
CA LEU A 41 0.96 -3.42 -3.11
C LEU A 41 1.40 -4.86 -3.28
N LYS A 42 0.87 -5.56 -4.30
CA LYS A 42 1.31 -6.93 -4.57
C LYS A 42 2.82 -6.93 -4.77
N LYS A 43 3.31 -5.96 -5.52
CA LYS A 43 4.74 -5.76 -5.69
C LYS A 43 5.39 -5.43 -4.35
N ALA A 44 4.79 -4.49 -3.65
CA ALA A 44 5.30 -4.01 -2.37
C ALA A 44 5.57 -5.16 -1.40
N LEU A 45 4.57 -6.03 -1.23
CA LEU A 45 4.72 -7.18 -0.36
C LEU A 45 5.70 -8.17 -0.95
N MET A 46 5.48 -8.55 -2.20
CA MET A 46 6.29 -9.58 -2.86
C MET A 46 7.78 -9.25 -2.86
N MET A 47 8.13 -7.97 -2.87
CA MET A 47 9.54 -7.58 -2.87
C MET A 47 10.18 -7.92 -1.53
N ARG A 48 9.43 -7.68 -0.45
CA ARG A 48 9.88 -8.00 0.89
C ARG A 48 9.80 -9.50 1.15
N GLY A 49 8.98 -10.18 0.36
CA GLY A 49 8.77 -11.60 0.57
C GLY A 49 7.43 -11.87 1.22
N LEU A 50 6.57 -10.87 1.20
CA LEU A 50 5.24 -10.97 1.78
C LEU A 50 4.19 -11.11 0.68
N ILE A 51 2.94 -11.27 1.08
CA ILE A 51 1.83 -11.33 0.14
C ILE A 51 0.69 -10.44 0.60
N PRO A 52 -0.01 -9.84 -0.37
CA PRO A 52 -1.15 -8.93 -0.13
C PRO A 52 -2.31 -9.60 0.61
N GLU A 53 -2.24 -10.91 0.77
CA GLU A 53 -3.29 -11.65 1.47
C GLU A 53 -3.05 -11.60 2.98
N CYS A 54 -1.80 -11.43 3.37
CA CYS A 54 -1.42 -11.42 4.77
C CYS A 54 -0.97 -10.04 5.23
N CYS A 55 -1.60 -9.01 4.69
CA CYS A 55 -1.31 -7.63 5.06
C CYS A 55 -2.56 -6.75 4.84
N ALA A 56 -2.58 -5.57 5.45
CA ALA A 56 -3.67 -4.62 5.26
C ALA A 56 -3.14 -3.25 4.91
N VAL A 57 -3.88 -2.47 4.15
CA VAL A 57 -3.39 -1.16 3.77
C VAL A 57 -4.14 -0.05 4.49
N TYR A 58 -3.37 0.82 5.11
CA TYR A 58 -3.86 1.94 5.88
C TYR A 58 -3.18 3.21 5.43
N ARG A 59 -3.70 4.34 5.88
CA ARG A 59 -3.02 5.61 5.70
C ARG A 59 -3.32 6.51 6.90
N ILE A 60 -2.28 7.13 7.43
CA ILE A 60 -2.43 7.94 8.63
C ILE A 60 -2.75 9.38 8.27
N GLN A 61 -3.85 9.87 8.79
CA GLN A 61 -4.24 11.23 8.60
C GLN A 61 -4.03 12.00 9.89
N ASP A 62 -4.88 12.99 10.18
CA ASP A 62 -4.80 13.79 11.40
C ASP A 62 -4.67 12.95 12.67
N GLY A 63 -3.45 12.52 12.97
CA GLY A 63 -3.19 11.72 14.15
C GLY A 63 -3.93 10.40 14.16
N GLU A 64 -4.56 10.05 13.04
CA GLU A 64 -5.40 8.86 12.99
C GLU A 64 -5.05 7.95 11.82
N LYS A 65 -5.79 6.87 11.71
CA LYS A 65 -5.58 5.87 10.67
C LYS A 65 -6.84 5.69 9.84
N LYS A 66 -6.64 5.50 8.55
CA LYS A 66 -7.73 5.21 7.63
C LYS A 66 -7.42 3.92 6.88
N PRO A 67 -8.20 2.86 7.11
CA PRO A 67 -8.04 1.60 6.39
C PRO A 67 -8.49 1.70 4.94
N ILE A 68 -7.64 1.22 4.05
CA ILE A 68 -7.85 1.35 2.62
C ILE A 68 -8.33 0.04 2.00
N GLY A 69 -9.02 0.16 0.88
CA GLY A 69 -9.52 -1.00 0.16
C GLY A 69 -8.55 -1.42 -0.92
N TRP A 70 -8.50 -2.71 -1.21
CA TRP A 70 -7.53 -3.25 -2.15
C TRP A 70 -7.92 -2.98 -3.60
N ASP A 71 -9.18 -2.62 -3.81
CA ASP A 71 -9.68 -2.36 -5.14
C ASP A 71 -9.58 -0.88 -5.48
N THR A 72 -8.99 -0.13 -4.57
CA THR A 72 -8.86 1.30 -4.71
C THR A 72 -7.80 1.64 -5.75
N ASP A 73 -8.16 2.51 -6.69
CA ASP A 73 -7.20 2.99 -7.69
C ASP A 73 -6.05 3.70 -6.99
N ILE A 74 -4.86 3.14 -7.08
CA ILE A 74 -3.74 3.61 -6.29
C ILE A 74 -3.13 4.90 -6.87
N SER A 75 -3.71 5.43 -7.93
CA SER A 75 -3.33 6.74 -8.42
C SER A 75 -3.92 7.81 -7.51
N TRP A 76 -4.78 7.37 -6.60
CA TRP A 76 -5.42 8.23 -5.63
C TRP A 76 -4.41 8.86 -4.68
N LEU A 77 -3.67 8.00 -3.99
CA LEU A 77 -2.78 8.43 -2.92
C LEU A 77 -1.38 8.80 -3.42
N THR A 78 -1.28 9.30 -4.65
CA THR A 78 0.00 9.77 -5.16
C THR A 78 0.58 10.87 -4.25
N GLY A 79 1.89 10.88 -4.17
CA GLY A 79 2.59 11.86 -3.35
C GLY A 79 2.36 11.66 -1.86
N GLU A 80 1.69 10.58 -1.50
CA GLU A 80 1.37 10.32 -0.10
C GLU A 80 2.08 9.06 0.39
N GLU A 81 2.12 8.88 1.69
CA GLU A 81 2.76 7.71 2.27
C GLU A 81 1.73 6.80 2.92
N LEU A 82 1.75 5.54 2.53
CA LEU A 82 0.82 4.55 3.04
C LEU A 82 1.46 3.75 4.17
N HIS A 83 0.64 3.01 4.91
CA HIS A 83 1.12 2.17 5.99
C HIS A 83 0.41 0.83 5.95
N VAL A 84 1.18 -0.24 5.87
CA VAL A 84 0.60 -1.56 5.76
C VAL A 84 0.73 -2.32 7.07
N GLU A 85 -0.32 -3.05 7.40
CA GLU A 85 -0.38 -3.83 8.60
C GLU A 85 -0.33 -5.29 8.20
N VAL A 86 -0.27 -6.20 9.16
CA VAL A 86 -0.38 -7.61 8.86
C VAL A 86 -1.79 -8.09 9.16
N LEU A 87 -2.53 -8.40 8.12
CA LEU A 87 -3.91 -8.81 8.23
C LEU A 87 -4.14 -9.98 7.28
N GLU A 88 -4.52 -11.12 7.86
CA GLU A 88 -4.65 -12.35 7.10
C GLU A 88 -6.05 -12.53 6.55
N ASN A 89 -6.21 -12.30 5.25
CA ASN A 89 -7.47 -12.56 4.60
C ASN A 89 -7.53 -13.99 4.13
N VAL A 90 -7.41 -14.89 5.10
CA VAL A 90 -7.47 -16.31 4.85
C VAL A 90 -8.90 -16.89 4.84
N PRO A 91 -9.89 -16.32 5.59
CA PRO A 91 -11.24 -16.85 5.62
C PRO A 91 -12.13 -16.24 4.54
N LEU A 92 -11.49 -15.54 3.59
CA LEU A 92 -12.17 -14.87 2.49
C LEU A 92 -13.08 -13.76 3.01
N SER A 11 4.51 16.60 -20.31
CA SER A 11 4.97 16.87 -18.93
C SER A 11 5.50 15.60 -18.28
N PRO A 12 6.83 15.48 -18.18
CA PRO A 12 7.49 14.35 -17.52
C PRO A 12 7.17 14.29 -16.03
N GLN A 13 6.19 13.49 -15.68
CA GLN A 13 5.78 13.35 -14.29
C GLN A 13 5.86 11.90 -13.85
N LYS A 14 6.44 11.69 -12.68
CA LYS A 14 6.52 10.36 -12.11
C LYS A 14 5.91 10.37 -10.71
N PRO A 15 4.68 9.88 -10.60
CA PRO A 15 3.96 9.79 -9.34
C PRO A 15 4.26 8.47 -8.62
N ILE A 16 4.49 8.53 -7.32
CA ILE A 16 4.79 7.34 -6.53
C ILE A 16 4.13 7.42 -5.16
N VAL A 17 3.68 6.29 -4.65
CA VAL A 17 3.11 6.20 -3.32
C VAL A 17 4.07 5.41 -2.44
N ARG A 18 4.54 6.06 -1.40
CA ARG A 18 5.53 5.46 -0.53
C ARG A 18 4.89 4.65 0.58
N VAL A 19 4.93 3.34 0.42
CA VAL A 19 4.31 2.43 1.34
C VAL A 19 5.25 2.05 2.48
N PHE A 20 4.73 1.98 3.68
CA PHE A 20 5.50 1.45 4.79
C PHE A 20 5.17 -0.01 5.00
N LEU A 21 6.09 -0.85 4.58
CA LEU A 21 5.95 -2.30 4.68
C LEU A 21 5.90 -2.74 6.15
N PRO A 22 5.37 -3.95 6.41
CA PRO A 22 5.36 -4.52 7.75
C PRO A 22 6.75 -4.54 8.40
N ASN A 23 6.77 -4.52 9.73
CA ASN A 23 8.00 -4.48 10.51
C ASN A 23 8.68 -3.11 10.36
N LYS A 24 7.84 -2.09 10.15
CA LYS A 24 8.28 -0.69 10.06
C LYS A 24 9.35 -0.48 8.99
N GLN A 25 9.09 -1.02 7.81
CA GLN A 25 9.94 -0.81 6.67
C GLN A 25 9.20 0.09 5.67
N ARG A 26 9.82 0.44 4.56
CA ARG A 26 9.13 1.21 3.56
C ARG A 26 9.60 0.90 2.14
N THR A 27 8.63 0.75 1.26
CA THR A 27 8.86 0.59 -0.15
C THR A 27 7.90 1.48 -0.90
N VAL A 28 8.38 2.23 -1.87
CA VAL A 28 7.50 3.10 -2.64
C VAL A 28 7.07 2.37 -3.92
N VAL A 29 5.89 2.69 -4.41
CA VAL A 29 5.40 2.09 -5.65
C VAL A 29 4.72 3.17 -6.50
N PRO A 30 5.15 3.31 -7.77
CA PRO A 30 4.59 4.29 -8.69
C PRO A 30 3.07 4.26 -8.72
N ALA A 31 2.48 5.45 -8.66
CA ALA A 31 1.03 5.58 -8.66
C ALA A 31 0.47 5.06 -9.97
N ARG A 32 0.06 3.80 -9.93
CA ARG A 32 -0.43 3.12 -11.09
C ARG A 32 -1.85 3.57 -11.42
N CYS A 33 -1.98 4.29 -12.53
CA CYS A 33 -3.27 4.82 -12.95
C CYS A 33 -4.08 3.76 -13.69
N GLY A 34 -5.23 3.41 -13.12
CA GLY A 34 -6.02 2.33 -13.67
C GLY A 34 -5.66 1.02 -13.02
N VAL A 35 -5.03 1.11 -11.86
CA VAL A 35 -4.54 -0.05 -11.14
C VAL A 35 -4.97 0.00 -9.69
N THR A 36 -5.19 -1.17 -9.10
CA THR A 36 -5.67 -1.26 -7.75
C THR A 36 -4.47 -1.19 -6.82
N VAL A 37 -4.70 -0.81 -5.58
CA VAL A 37 -3.66 -0.88 -4.58
C VAL A 37 -3.19 -2.34 -4.46
N ARG A 38 -4.06 -3.26 -4.87
CA ARG A 38 -3.74 -4.68 -4.92
C ARG A 38 -2.52 -4.96 -5.79
N ASP A 39 -2.52 -4.47 -7.02
CA ASP A 39 -1.45 -4.76 -7.97
C ASP A 39 -0.17 -4.06 -7.53
N SER A 40 -0.31 -2.78 -7.25
CA SER A 40 0.81 -1.93 -6.88
C SER A 40 1.47 -2.44 -5.61
N LEU A 41 0.67 -2.60 -4.57
CA LEU A 41 1.14 -3.11 -3.31
C LEU A 41 1.53 -4.58 -3.39
N LYS A 42 1.02 -5.29 -4.40
CA LYS A 42 1.46 -6.66 -4.60
C LYS A 42 2.97 -6.69 -4.79
N LYS A 43 3.49 -5.76 -5.59
CA LYS A 43 4.95 -5.64 -5.73
C LYS A 43 5.57 -5.27 -4.39
N ALA A 44 5.00 -4.23 -3.77
CA ALA A 44 5.52 -3.70 -2.52
C ALA A 44 5.70 -4.81 -1.49
N LEU A 45 4.64 -5.56 -1.28
CA LEU A 45 4.61 -6.59 -0.27
C LEU A 45 5.51 -7.76 -0.66
N MET A 46 5.53 -8.06 -1.96
CA MET A 46 6.36 -9.15 -2.47
C MET A 46 7.85 -8.84 -2.34
N MET A 47 8.20 -7.57 -2.19
CA MET A 47 9.60 -7.20 -1.96
C MET A 47 10.04 -7.75 -0.63
N ARG A 48 9.15 -7.59 0.34
CA ARG A 48 9.35 -8.17 1.66
C ARG A 48 9.22 -9.69 1.60
N GLY A 49 8.49 -10.15 0.61
CA GLY A 49 8.24 -11.57 0.47
C GLY A 49 6.90 -11.96 1.05
N LEU A 50 6.03 -10.97 1.21
CA LEU A 50 4.72 -11.20 1.81
C LEU A 50 3.64 -11.16 0.74
N ILE A 51 2.42 -11.53 1.12
CA ILE A 51 1.33 -11.63 0.18
C ILE A 51 0.13 -10.77 0.60
N PRO A 52 -0.44 -10.03 -0.37
CA PRO A 52 -1.56 -9.10 -0.13
C PRO A 52 -2.85 -9.80 0.32
N GLU A 53 -2.81 -11.13 0.36
CA GLU A 53 -3.96 -11.89 0.80
C GLU A 53 -4.13 -11.80 2.32
N CYS A 54 -3.00 -11.81 3.03
CA CYS A 54 -3.03 -11.83 4.49
C CYS A 54 -2.57 -10.49 5.08
N CYS A 55 -2.50 -9.45 4.28
CA CYS A 55 -2.03 -8.15 4.76
C CYS A 55 -3.03 -7.05 4.40
N ALA A 56 -2.87 -5.86 4.96
CA ALA A 56 -3.81 -4.76 4.75
C ALA A 56 -3.09 -3.44 4.56
N VAL A 57 -3.66 -2.55 3.79
CA VAL A 57 -3.06 -1.26 3.60
C VAL A 57 -3.86 -0.15 4.27
N TYR A 58 -3.13 0.70 4.95
CA TYR A 58 -3.66 1.84 5.65
C TYR A 58 -2.98 3.10 5.13
N ARG A 59 -3.46 4.24 5.59
CA ARG A 59 -2.82 5.51 5.31
C ARG A 59 -3.12 6.48 6.45
N ILE A 60 -2.06 7.07 6.99
CA ILE A 60 -2.23 7.97 8.11
C ILE A 60 -2.55 9.37 7.60
N GLN A 61 -3.68 9.88 8.06
CA GLN A 61 -4.11 11.21 7.72
C GLN A 61 -4.02 12.05 8.97
N ASP A 62 -5.04 12.88 9.22
CA ASP A 62 -5.07 13.83 10.36
C ASP A 62 -4.80 13.14 11.70
N GLY A 63 -3.52 12.92 11.99
CA GLY A 63 -3.11 12.29 13.23
C GLY A 63 -3.66 10.88 13.40
N GLU A 64 -4.31 10.34 12.37
CA GLU A 64 -5.00 9.06 12.52
C GLU A 64 -4.77 8.15 11.33
N LYS A 65 -5.37 6.98 11.39
CA LYS A 65 -5.21 5.96 10.38
C LYS A 65 -6.49 5.74 9.61
N LYS A 66 -6.34 5.54 8.31
CA LYS A 66 -7.45 5.24 7.43
C LYS A 66 -7.19 3.93 6.70
N PRO A 67 -7.95 2.86 7.03
CA PRO A 67 -7.80 1.57 6.34
C PRO A 67 -8.34 1.62 4.91
N ILE A 68 -7.55 1.14 3.97
CA ILE A 68 -7.90 1.23 2.56
C ILE A 68 -8.42 -0.10 2.02
N GLY A 69 -9.12 -0.05 0.89
CA GLY A 69 -9.60 -1.24 0.25
C GLY A 69 -8.69 -1.66 -0.88
N TRP A 70 -8.53 -2.96 -1.08
CA TRP A 70 -7.55 -3.49 -2.02
C TRP A 70 -7.86 -3.14 -3.49
N ASP A 71 -9.07 -2.67 -3.75
CA ASP A 71 -9.45 -2.35 -5.13
C ASP A 71 -9.44 -0.84 -5.36
N THR A 72 -8.87 -0.12 -4.41
CA THR A 72 -8.74 1.32 -4.51
C THR A 72 -7.66 1.66 -5.53
N ASP A 73 -8.04 2.41 -6.56
CA ASP A 73 -7.08 2.82 -7.58
C ASP A 73 -5.97 3.64 -6.94
N ILE A 74 -4.76 3.13 -7.00
CA ILE A 74 -3.64 3.70 -6.26
C ILE A 74 -3.23 5.08 -6.79
N SER A 75 -3.69 5.44 -7.98
CA SER A 75 -3.27 6.71 -8.57
C SER A 75 -3.91 7.91 -7.86
N TRP A 76 -4.88 7.63 -6.99
CA TRP A 76 -5.52 8.69 -6.23
C TRP A 76 -4.79 8.93 -4.91
N LEU A 77 -3.89 8.01 -4.60
CA LEU A 77 -3.20 8.01 -3.32
C LEU A 77 -1.78 8.56 -3.46
N THR A 78 -1.47 9.15 -4.60
CA THR A 78 -0.16 9.75 -4.84
C THR A 78 0.17 10.80 -3.78
N GLY A 79 1.47 10.99 -3.56
CA GLY A 79 1.94 11.94 -2.56
C GLY A 79 1.86 11.41 -1.15
N GLU A 80 1.04 10.39 -0.93
CA GLU A 80 0.80 9.87 0.40
C GLU A 80 1.74 8.73 0.73
N GLU A 81 2.02 8.58 2.01
CA GLU A 81 2.73 7.41 2.50
C GLU A 81 1.73 6.43 3.08
N LEU A 82 1.78 5.22 2.59
CA LEU A 82 0.88 4.19 3.05
C LEU A 82 1.54 3.37 4.17
N HIS A 83 0.76 2.56 4.86
CA HIS A 83 1.28 1.69 5.90
C HIS A 83 0.58 0.34 5.84
N VAL A 84 1.33 -0.74 5.67
CA VAL A 84 0.71 -2.04 5.55
C VAL A 84 0.80 -2.83 6.86
N GLU A 85 -0.31 -3.45 7.20
CA GLU A 85 -0.43 -4.29 8.37
C GLU A 85 -0.54 -5.72 7.88
N VAL A 86 -0.43 -6.67 8.77
CA VAL A 86 -0.67 -8.05 8.39
C VAL A 86 -1.90 -8.58 9.12
N LEU A 87 -2.96 -8.84 8.36
CA LEU A 87 -4.21 -9.32 8.91
C LEU A 87 -4.09 -10.79 9.29
N GLU A 88 -3.52 -11.05 10.46
CA GLU A 88 -3.44 -12.41 10.96
C GLU A 88 -4.60 -12.67 11.91
N ASN A 89 -5.65 -13.28 11.39
CA ASN A 89 -6.85 -13.53 12.18
C ASN A 89 -6.73 -14.85 12.91
N VAL A 90 -5.66 -14.96 13.69
CA VAL A 90 -5.41 -16.12 14.52
C VAL A 90 -6.43 -16.20 15.65
N PRO A 91 -6.72 -17.40 16.15
CA PRO A 91 -7.68 -17.59 17.24
C PRO A 91 -7.38 -16.68 18.43
N LEU A 92 -6.20 -16.84 19.02
CA LEU A 92 -5.76 -16.02 20.12
C LEU A 92 -4.26 -16.15 20.31
N SER A 11 13.95 16.48 -14.33
CA SER A 11 13.37 15.14 -14.02
C SER A 11 11.87 15.14 -14.30
N PRO A 12 11.38 14.15 -15.05
CA PRO A 12 9.95 13.96 -15.28
C PRO A 12 9.22 13.73 -13.97
N GLN A 13 8.00 14.24 -13.85
CA GLN A 13 7.23 14.08 -12.64
C GLN A 13 6.63 12.69 -12.58
N LYS A 14 7.28 11.82 -11.83
CA LYS A 14 6.87 10.42 -11.72
C LYS A 14 6.11 10.21 -10.42
N PRO A 15 4.79 9.98 -10.51
CA PRO A 15 3.95 9.82 -9.32
C PRO A 15 4.17 8.49 -8.63
N ILE A 16 4.40 8.53 -7.32
CA ILE A 16 4.64 7.33 -6.54
C ILE A 16 3.90 7.38 -5.21
N VAL A 17 3.76 6.23 -4.59
CA VAL A 17 3.24 6.14 -3.24
C VAL A 17 4.21 5.35 -2.37
N ARG A 18 4.67 5.97 -1.31
CA ARG A 18 5.56 5.29 -0.37
C ARG A 18 4.75 4.42 0.57
N VAL A 19 4.83 3.13 0.35
CA VAL A 19 4.10 2.16 1.15
C VAL A 19 4.97 1.62 2.27
N PHE A 20 4.69 2.02 3.49
CA PHE A 20 5.44 1.55 4.63
C PHE A 20 5.12 0.09 4.92
N LEU A 21 6.04 -0.76 4.52
CA LEU A 21 5.91 -2.20 4.66
C LEU A 21 5.86 -2.60 6.13
N PRO A 22 5.33 -3.81 6.42
CA PRO A 22 5.32 -4.35 7.78
C PRO A 22 6.71 -4.32 8.41
N ASN A 23 6.73 -4.15 9.74
CA ASN A 23 7.97 -4.01 10.51
C ASN A 23 8.65 -2.68 10.20
N LYS A 24 7.80 -1.68 10.01
CA LYS A 24 8.23 -0.28 9.92
C LYS A 24 9.22 -0.02 8.80
N GLN A 25 9.09 -0.76 7.72
CA GLN A 25 9.89 -0.51 6.54
C GLN A 25 9.06 0.29 5.55
N ARG A 26 9.62 0.61 4.39
CA ARG A 26 8.86 1.28 3.36
C ARG A 26 9.36 0.92 1.96
N THR A 27 8.42 0.58 1.09
CA THR A 27 8.72 0.42 -0.31
C THR A 27 7.86 1.38 -1.10
N VAL A 28 8.44 2.02 -2.09
CA VAL A 28 7.69 2.95 -2.90
C VAL A 28 7.14 2.21 -4.11
N VAL A 29 5.93 2.54 -4.48
CA VAL A 29 5.34 1.98 -5.68
C VAL A 29 4.67 3.08 -6.48
N PRO A 30 5.07 3.24 -7.75
CA PRO A 30 4.52 4.26 -8.65
C PRO A 30 3.00 4.22 -8.68
N ALA A 31 2.40 5.39 -8.68
CA ALA A 31 0.95 5.53 -8.65
C ALA A 31 0.35 4.98 -9.94
N ARG A 32 0.08 3.68 -9.91
CA ARG A 32 -0.41 2.94 -11.05
C ARG A 32 -1.81 3.39 -11.43
N CYS A 33 -1.94 4.00 -12.61
CA CYS A 33 -3.22 4.48 -13.10
C CYS A 33 -4.05 3.32 -13.64
N GLY A 34 -5.31 3.25 -13.21
CA GLY A 34 -6.17 2.16 -13.60
C GLY A 34 -5.79 0.89 -12.89
N VAL A 35 -5.09 1.04 -11.79
CA VAL A 35 -4.58 -0.07 -11.01
C VAL A 35 -4.98 0.09 -9.56
N THR A 36 -5.25 -1.01 -8.90
CA THR A 36 -5.71 -0.98 -7.53
C THR A 36 -4.52 -1.12 -6.61
N VAL A 37 -4.74 -0.92 -5.32
CA VAL A 37 -3.69 -1.16 -4.35
C VAL A 37 -3.27 -2.63 -4.43
N ARG A 38 -4.16 -3.47 -4.95
CA ARG A 38 -3.88 -4.88 -5.14
C ARG A 38 -2.58 -5.11 -5.91
N ASP A 39 -2.54 -4.62 -7.14
CA ASP A 39 -1.38 -4.80 -8.01
C ASP A 39 -0.17 -4.06 -7.47
N SER A 40 -0.40 -2.82 -7.11
CA SER A 40 0.67 -1.95 -6.67
C SER A 40 1.33 -2.51 -5.41
N LEU A 41 0.51 -2.79 -4.41
CA LEU A 41 0.99 -3.40 -3.20
C LEU A 41 1.48 -4.82 -3.44
N LYS A 42 0.98 -5.47 -4.50
CA LYS A 42 1.42 -6.82 -4.81
C LYS A 42 2.93 -6.85 -4.96
N LYS A 43 3.48 -5.81 -5.60
CA LYS A 43 4.93 -5.69 -5.66
C LYS A 43 5.49 -5.37 -4.29
N ALA A 44 4.85 -4.43 -3.60
CA ALA A 44 5.30 -3.99 -2.29
C ALA A 44 5.51 -5.15 -1.32
N LEU A 45 4.46 -5.96 -1.14
CA LEU A 45 4.54 -7.11 -0.25
C LEU A 45 5.55 -8.13 -0.75
N MET A 46 5.47 -8.47 -2.04
CA MET A 46 6.32 -9.50 -2.62
C MET A 46 7.80 -9.13 -2.56
N MET A 47 8.11 -7.85 -2.45
CA MET A 47 9.51 -7.43 -2.34
C MET A 47 10.03 -7.69 -0.93
N ARG A 48 9.15 -7.61 0.07
CA ARG A 48 9.47 -8.07 1.41
C ARG A 48 9.51 -9.59 1.46
N GLY A 49 8.77 -10.20 0.56
CA GLY A 49 8.60 -11.63 0.56
C GLY A 49 7.27 -12.02 1.17
N LEU A 50 6.38 -11.05 1.27
CA LEU A 50 5.06 -11.25 1.85
C LEU A 50 4.00 -11.30 0.74
N ILE A 51 2.79 -11.64 1.13
CA ILE A 51 1.68 -11.71 0.20
C ILE A 51 0.60 -10.72 0.60
N PRO A 52 -0.01 -10.06 -0.40
CA PRO A 52 -1.05 -9.06 -0.18
C PRO A 52 -2.35 -9.67 0.38
N GLU A 53 -2.38 -10.99 0.49
CA GLU A 53 -3.54 -11.69 1.01
C GLU A 53 -3.63 -11.50 2.52
N CYS A 54 -2.52 -11.70 3.20
CA CYS A 54 -2.47 -11.65 4.65
C CYS A 54 -1.90 -10.33 5.15
N CYS A 55 -2.24 -9.25 4.46
CA CYS A 55 -1.77 -7.92 4.83
C CYS A 55 -2.88 -6.90 4.56
N ALA A 56 -2.78 -5.72 5.15
CA ALA A 56 -3.81 -4.69 5.01
C ALA A 56 -3.20 -3.34 4.71
N VAL A 57 -3.97 -2.46 4.11
CA VAL A 57 -3.43 -1.17 3.74
C VAL A 57 -4.08 -0.04 4.53
N TYR A 58 -3.24 0.75 5.15
CA TYR A 58 -3.65 1.89 5.95
C TYR A 58 -2.88 3.12 5.51
N ARG A 59 -3.38 4.28 5.86
CA ARG A 59 -2.62 5.50 5.72
C ARG A 59 -2.96 6.45 6.84
N ILE A 60 -2.04 7.35 7.16
CA ILE A 60 -2.24 8.27 8.25
C ILE A 60 -2.57 9.66 7.72
N GLN A 61 -3.64 10.23 8.23
CA GLN A 61 -4.01 11.58 7.92
C GLN A 61 -3.86 12.43 9.18
N ASP A 62 -4.82 13.32 9.42
CA ASP A 62 -4.76 14.27 10.55
C ASP A 62 -4.63 13.55 11.90
N GLY A 63 -3.42 13.11 12.23
CA GLY A 63 -3.19 12.38 13.46
C GLY A 63 -3.99 11.10 13.52
N GLU A 64 -4.59 10.71 12.40
CA GLU A 64 -5.53 9.60 12.41
C GLU A 64 -5.19 8.60 11.31
N LYS A 65 -5.97 7.55 11.27
CA LYS A 65 -5.76 6.46 10.34
C LYS A 65 -6.95 6.30 9.39
N LYS A 66 -6.63 6.04 8.14
CA LYS A 66 -7.61 5.73 7.14
C LYS A 66 -7.32 4.35 6.57
N PRO A 67 -8.15 3.36 6.88
CA PRO A 67 -8.00 2.03 6.30
C PRO A 67 -8.37 2.03 4.83
N ILE A 68 -7.49 1.51 4.01
CA ILE A 68 -7.64 1.58 2.58
C ILE A 68 -8.21 0.28 2.01
N GLY A 69 -8.89 0.40 0.88
CA GLY A 69 -9.49 -0.75 0.25
C GLY A 69 -8.60 -1.33 -0.82
N TRP A 70 -8.66 -2.64 -1.00
CA TRP A 70 -7.77 -3.31 -1.93
C TRP A 70 -8.15 -3.06 -3.39
N ASP A 71 -9.35 -2.53 -3.59
CA ASP A 71 -9.83 -2.23 -4.91
C ASP A 71 -9.83 -0.73 -5.14
N THR A 72 -9.05 -0.03 -4.34
CA THR A 72 -8.89 1.40 -4.48
C THR A 72 -7.84 1.71 -5.54
N ASP A 73 -8.20 2.56 -6.50
CA ASP A 73 -7.26 2.97 -7.53
C ASP A 73 -6.12 3.77 -6.90
N ILE A 74 -4.92 3.21 -6.97
CA ILE A 74 -3.77 3.76 -6.26
C ILE A 74 -3.30 5.08 -6.89
N SER A 75 -3.73 5.37 -8.11
CA SER A 75 -3.28 6.58 -8.78
C SER A 75 -3.93 7.82 -8.17
N TRP A 76 -4.91 7.60 -7.29
CA TRP A 76 -5.54 8.70 -6.58
C TRP A 76 -4.78 8.99 -5.29
N LEU A 77 -4.11 7.97 -4.78
CA LEU A 77 -3.43 8.03 -3.49
C LEU A 77 -1.97 8.48 -3.62
N THR A 78 -1.62 9.09 -4.76
CA THR A 78 -0.28 9.62 -4.95
C THR A 78 0.05 10.67 -3.89
N GLY A 79 1.34 10.81 -3.60
CA GLY A 79 1.79 11.78 -2.62
C GLY A 79 1.69 11.26 -1.19
N GLU A 80 0.82 10.30 -0.98
CA GLU A 80 0.56 9.77 0.34
C GLU A 80 1.62 8.75 0.74
N GLU A 81 1.94 8.71 2.01
CA GLU A 81 2.73 7.63 2.56
C GLU A 81 1.81 6.66 3.27
N LEU A 82 1.71 5.47 2.74
CA LEU A 82 0.82 4.45 3.26
C LEU A 82 1.60 3.54 4.19
N HIS A 83 0.90 2.66 4.88
CA HIS A 83 1.55 1.65 5.70
C HIS A 83 0.71 0.40 5.74
N VAL A 84 1.36 -0.74 5.56
CA VAL A 84 0.69 -2.01 5.46
C VAL A 84 0.78 -2.79 6.75
N GLU A 85 -0.32 -3.41 7.09
CA GLU A 85 -0.42 -4.21 8.28
C GLU A 85 -0.46 -5.65 7.87
N VAL A 86 -0.34 -6.56 8.81
CA VAL A 86 -0.44 -7.97 8.49
C VAL A 86 -1.67 -8.58 9.12
N LEU A 87 -2.62 -8.97 8.29
CA LEU A 87 -3.79 -9.68 8.74
C LEU A 87 -3.44 -11.15 8.91
N GLU A 88 -2.99 -11.50 10.11
CA GLU A 88 -2.53 -12.86 10.38
C GLU A 88 -3.65 -13.87 10.20
N ASN A 89 -3.63 -14.54 9.05
CA ASN A 89 -4.63 -15.54 8.71
C ASN A 89 -4.24 -16.89 9.28
N VAL A 90 -4.15 -16.94 10.60
CA VAL A 90 -3.84 -18.17 11.30
C VAL A 90 -4.99 -19.18 11.18
N PRO A 91 -4.69 -20.39 10.68
CA PRO A 91 -5.67 -21.47 10.61
C PRO A 91 -5.96 -22.05 11.98
N LEU A 92 -7.01 -21.55 12.61
CA LEU A 92 -7.40 -22.01 13.94
C LEU A 92 -8.25 -23.27 13.82
N SER A 11 5.19 17.38 -18.44
CA SER A 11 5.29 17.31 -16.97
C SER A 11 6.25 16.20 -16.55
N PRO A 12 7.50 16.56 -16.24
CA PRO A 12 8.52 15.62 -15.75
C PRO A 12 8.24 15.15 -14.32
N GLN A 13 7.01 14.69 -14.11
CA GLN A 13 6.58 14.22 -12.81
C GLN A 13 6.35 12.73 -12.84
N LYS A 14 6.76 12.05 -11.80
CA LYS A 14 6.55 10.61 -11.69
C LYS A 14 5.82 10.31 -10.38
N PRO A 15 4.49 10.15 -10.45
CA PRO A 15 3.68 9.94 -9.25
C PRO A 15 3.94 8.58 -8.62
N ILE A 16 4.23 8.58 -7.33
CA ILE A 16 4.53 7.36 -6.60
C ILE A 16 3.86 7.38 -5.23
N VAL A 17 3.79 6.24 -4.58
CA VAL A 17 3.31 6.16 -3.22
C VAL A 17 4.31 5.41 -2.37
N ARG A 18 4.81 6.07 -1.34
CA ARG A 18 5.76 5.47 -0.42
C ARG A 18 5.02 4.66 0.63
N VAL A 19 5.06 3.35 0.46
CA VAL A 19 4.37 2.42 1.32
C VAL A 19 5.29 1.90 2.42
N PHE A 20 4.93 2.13 3.66
CA PHE A 20 5.68 1.56 4.76
C PHE A 20 5.26 0.11 4.96
N LEU A 21 6.12 -0.77 4.50
CA LEU A 21 5.90 -2.19 4.61
C LEU A 21 5.90 -2.61 6.09
N PRO A 22 5.31 -3.77 6.40
CA PRO A 22 5.25 -4.30 7.75
C PRO A 22 6.65 -4.44 8.35
N ASN A 23 6.78 -4.13 9.64
CA ASN A 23 8.06 -4.14 10.35
C ASN A 23 8.87 -2.90 9.98
N LYS A 24 8.17 -1.79 9.97
CA LYS A 24 8.74 -0.44 9.87
C LYS A 24 9.68 -0.28 8.69
N GLN A 25 9.40 -0.97 7.60
CA GLN A 25 10.15 -0.82 6.38
C GLN A 25 9.35 0.04 5.43
N ARG A 26 9.93 0.41 4.29
CA ARG A 26 9.18 1.16 3.30
C ARG A 26 9.63 0.85 1.88
N THR A 27 8.66 0.71 1.01
CA THR A 27 8.89 0.53 -0.39
C THR A 27 8.01 1.53 -1.16
N VAL A 28 8.55 2.12 -2.22
CA VAL A 28 7.78 3.03 -3.03
C VAL A 28 7.21 2.28 -4.21
N VAL A 29 5.99 2.61 -4.59
CA VAL A 29 5.39 2.04 -5.78
C VAL A 29 4.65 3.13 -6.54
N PRO A 30 4.97 3.31 -7.84
CA PRO A 30 4.34 4.31 -8.69
C PRO A 30 2.83 4.28 -8.60
N ALA A 31 2.24 5.46 -8.53
CA ALA A 31 0.79 5.59 -8.45
C ALA A 31 0.14 5.14 -9.75
N ARG A 32 -0.07 3.84 -9.85
CA ARG A 32 -0.55 3.22 -11.06
C ARG A 32 -2.01 3.57 -11.35
N CYS A 33 -2.22 4.33 -12.42
CA CYS A 33 -3.55 4.75 -12.83
C CYS A 33 -4.31 3.56 -13.42
N GLY A 34 -5.54 3.37 -12.97
CA GLY A 34 -6.34 2.26 -13.46
C GLY A 34 -5.91 0.96 -12.84
N VAL A 35 -5.08 1.06 -11.81
CA VAL A 35 -4.53 -0.10 -11.13
C VAL A 35 -4.97 -0.10 -9.68
N THR A 36 -5.10 -1.28 -9.13
CA THR A 36 -5.54 -1.44 -7.77
C THR A 36 -4.34 -1.30 -6.86
N VAL A 37 -4.56 -0.85 -5.65
CA VAL A 37 -3.51 -0.89 -4.66
C VAL A 37 -3.06 -2.35 -4.49
N ARG A 38 -3.94 -3.27 -4.85
CA ARG A 38 -3.63 -4.69 -4.85
C ARG A 38 -2.45 -5.01 -5.76
N ASP A 39 -2.49 -4.53 -6.99
CA ASP A 39 -1.44 -4.81 -7.96
C ASP A 39 -0.15 -4.13 -7.54
N SER A 40 -0.26 -2.85 -7.27
CA SER A 40 0.89 -2.05 -6.94
C SER A 40 1.54 -2.52 -5.64
N LEU A 41 0.72 -2.77 -4.63
CA LEU A 41 1.22 -3.26 -3.36
C LEU A 41 1.60 -4.73 -3.42
N LYS A 42 1.07 -5.49 -4.37
CA LYS A 42 1.48 -6.88 -4.50
C LYS A 42 2.98 -6.93 -4.78
N LYS A 43 3.48 -5.98 -5.58
CA LYS A 43 4.92 -5.82 -5.74
C LYS A 43 5.54 -5.45 -4.41
N ALA A 44 5.00 -4.40 -3.79
CA ALA A 44 5.53 -3.88 -2.54
C ALA A 44 5.75 -4.98 -1.51
N LEU A 45 4.71 -5.74 -1.26
CA LEU A 45 4.75 -6.84 -0.32
C LEU A 45 5.68 -7.94 -0.82
N MET A 46 5.47 -8.39 -2.06
CA MET A 46 6.22 -9.53 -2.59
C MET A 46 7.72 -9.25 -2.71
N MET A 47 8.12 -7.99 -2.78
CA MET A 47 9.54 -7.65 -2.79
C MET A 47 10.19 -8.05 -1.47
N ARG A 48 9.52 -7.74 -0.36
CA ARG A 48 9.93 -8.21 0.94
C ARG A 48 9.67 -9.71 1.10
N GLY A 49 8.70 -10.17 0.34
CA GLY A 49 8.29 -11.57 0.41
C GLY A 49 6.98 -11.71 1.17
N LEU A 50 6.25 -10.62 1.23
CA LEU A 50 5.00 -10.54 1.97
C LEU A 50 3.83 -10.80 1.03
N ILE A 51 2.69 -11.18 1.58
CA ILE A 51 1.51 -11.46 0.78
C ILE A 51 0.35 -10.56 1.16
N PRO A 52 -0.35 -9.99 0.17
CA PRO A 52 -1.53 -9.14 0.38
C PRO A 52 -2.73 -9.94 0.88
N GLU A 53 -2.57 -11.25 0.94
CA GLU A 53 -3.59 -12.14 1.43
C GLU A 53 -3.96 -11.85 2.88
N CYS A 54 -2.95 -11.73 3.72
CA CYS A 54 -3.18 -11.59 5.15
C CYS A 54 -2.87 -10.16 5.62
N CYS A 55 -2.44 -9.32 4.70
CA CYS A 55 -2.06 -7.96 5.04
C CYS A 55 -3.08 -6.96 4.50
N ALA A 56 -3.07 -5.76 5.05
CA ALA A 56 -3.97 -4.70 4.59
C ALA A 56 -3.20 -3.42 4.42
N VAL A 57 -3.69 -2.54 3.57
CA VAL A 57 -3.02 -1.28 3.39
C VAL A 57 -3.78 -0.18 4.08
N TYR A 58 -3.02 0.65 4.76
CA TYR A 58 -3.54 1.73 5.56
C TYR A 58 -2.83 3.02 5.22
N ARG A 59 -3.37 4.12 5.67
CA ARG A 59 -2.72 5.41 5.47
C ARG A 59 -3.08 6.35 6.62
N ILE A 60 -2.07 6.99 7.17
CA ILE A 60 -2.26 7.87 8.30
C ILE A 60 -2.49 9.30 7.82
N GLN A 61 -3.63 9.83 8.19
CA GLN A 61 -3.99 11.19 7.86
C GLN A 61 -3.80 12.04 9.11
N ASP A 62 -4.74 12.95 9.38
CA ASP A 62 -4.63 13.88 10.50
C ASP A 62 -4.48 13.17 11.85
N GLY A 63 -3.27 12.74 12.15
CA GLY A 63 -3.00 12.01 13.38
C GLY A 63 -3.75 10.69 13.45
N GLU A 64 -4.42 10.30 12.38
CA GLU A 64 -5.29 9.15 12.43
C GLU A 64 -4.99 8.15 11.31
N LYS A 65 -5.74 7.08 11.29
CA LYS A 65 -5.54 6.00 10.34
C LYS A 65 -6.76 5.81 9.46
N LYS A 66 -6.51 5.54 8.19
CA LYS A 66 -7.54 5.22 7.23
C LYS A 66 -7.21 3.88 6.60
N PRO A 67 -8.01 2.84 6.84
CA PRO A 67 -7.83 1.55 6.19
C PRO A 67 -8.32 1.57 4.76
N ILE A 68 -7.48 1.15 3.85
CA ILE A 68 -7.79 1.24 2.42
C ILE A 68 -8.24 -0.13 1.89
N GLY A 69 -8.98 -0.10 0.78
CA GLY A 69 -9.45 -1.32 0.16
C GLY A 69 -8.52 -1.75 -0.95
N TRP A 70 -8.38 -3.05 -1.15
CA TRP A 70 -7.39 -3.58 -2.08
C TRP A 70 -7.66 -3.22 -3.54
N ASP A 71 -8.90 -2.87 -3.86
CA ASP A 71 -9.24 -2.54 -5.24
C ASP A 71 -9.34 -1.04 -5.42
N THR A 72 -8.84 -0.31 -4.45
CA THR A 72 -8.77 1.13 -4.53
C THR A 72 -7.67 1.55 -5.52
N ASP A 73 -8.02 2.46 -6.42
CA ASP A 73 -7.09 2.95 -7.43
C ASP A 73 -5.92 3.65 -6.75
N ILE A 74 -4.74 3.02 -6.80
CA ILE A 74 -3.57 3.53 -6.10
C ILE A 74 -3.13 4.89 -6.66
N SER A 75 -3.56 5.22 -7.86
CA SER A 75 -3.16 6.46 -8.48
C SER A 75 -3.77 7.66 -7.77
N TRP A 76 -4.73 7.42 -6.89
CA TRP A 76 -5.37 8.51 -6.16
C TRP A 76 -4.63 8.80 -4.87
N LEU A 77 -3.93 7.79 -4.35
CA LEU A 77 -3.21 7.94 -3.11
C LEU A 77 -1.79 8.47 -3.33
N THR A 78 -1.54 9.03 -4.51
CA THR A 78 -0.28 9.72 -4.75
C THR A 78 -0.06 10.79 -3.71
N GLY A 79 1.19 11.05 -3.40
CA GLY A 79 1.54 12.05 -2.40
C GLY A 79 1.33 11.56 -0.97
N GLU A 80 0.73 10.39 -0.82
CA GLU A 80 0.45 9.84 0.50
C GLU A 80 1.47 8.79 0.87
N GLU A 81 1.91 8.80 2.10
CA GLU A 81 2.73 7.72 2.62
C GLU A 81 1.82 6.68 3.25
N LEU A 82 1.87 5.49 2.70
CA LEU A 82 1.04 4.38 3.16
C LEU A 82 1.84 3.52 4.11
N HIS A 83 1.17 2.54 4.69
CA HIS A 83 1.83 1.53 5.49
C HIS A 83 0.92 0.30 5.50
N VAL A 84 1.51 -0.86 5.61
CA VAL A 84 0.71 -2.08 5.56
C VAL A 84 0.48 -2.62 6.96
N GLU A 85 -0.79 -2.77 7.26
CA GLU A 85 -1.26 -3.25 8.52
C GLU A 85 -1.84 -4.62 8.36
N VAL A 86 -1.28 -5.56 9.06
CA VAL A 86 -1.60 -6.96 8.88
C VAL A 86 -2.95 -7.32 9.48
N LEU A 87 -3.81 -7.92 8.66
CA LEU A 87 -5.12 -8.37 9.08
C LEU A 87 -5.02 -9.68 9.83
N GLU A 88 -4.99 -9.61 11.15
CA GLU A 88 -4.94 -10.81 11.96
C GLU A 88 -6.31 -11.45 12.03
N ASN A 89 -6.54 -12.41 11.17
CA ASN A 89 -7.80 -13.10 11.07
C ASN A 89 -7.59 -14.45 10.40
N VAL A 90 -6.89 -15.32 11.10
CA VAL A 90 -6.62 -16.67 10.62
C VAL A 90 -7.89 -17.38 10.18
N PRO A 91 -7.91 -17.92 8.95
CA PRO A 91 -9.10 -18.55 8.36
C PRO A 91 -9.60 -19.74 9.16
N LEU A 92 -10.83 -19.64 9.65
CA LEU A 92 -11.45 -20.71 10.39
C LEU A 92 -12.41 -21.48 9.48
N SER A 11 10.98 8.90 -16.80
CA SER A 11 9.58 9.34 -16.95
C SER A 11 9.39 10.73 -16.36
N PRO A 12 9.19 11.75 -17.22
CA PRO A 12 9.01 13.14 -16.80
C PRO A 12 7.88 13.29 -15.79
N GLN A 13 6.78 12.59 -16.02
CA GLN A 13 5.69 12.54 -15.06
C GLN A 13 5.78 11.25 -14.27
N LYS A 14 6.34 11.34 -13.07
CA LYS A 14 6.47 10.16 -12.23
C LYS A 14 5.83 10.41 -10.87
N PRO A 15 4.59 9.92 -10.70
CA PRO A 15 3.89 9.92 -9.43
C PRO A 15 4.19 8.65 -8.62
N ILE A 16 4.45 8.79 -7.33
CA ILE A 16 4.69 7.63 -6.48
C ILE A 16 3.98 7.78 -5.14
N VAL A 17 3.89 6.68 -4.42
CA VAL A 17 3.37 6.68 -3.08
C VAL A 17 4.21 5.74 -2.21
N ARG A 18 4.75 6.29 -1.13
CA ARG A 18 5.66 5.56 -0.26
C ARG A 18 4.88 4.68 0.71
N VAL A 19 4.97 3.39 0.47
CA VAL A 19 4.24 2.40 1.25
C VAL A 19 5.12 1.78 2.32
N PHE A 20 4.84 2.08 3.57
CA PHE A 20 5.58 1.51 4.68
C PHE A 20 5.16 0.07 4.89
N LEU A 21 6.01 -0.84 4.44
CA LEU A 21 5.77 -2.27 4.52
C LEU A 21 5.66 -2.73 5.97
N PRO A 22 5.06 -3.92 6.19
CA PRO A 22 4.98 -4.54 7.52
C PRO A 22 6.36 -4.66 8.16
N ASN A 23 6.37 -4.57 9.49
CA ASN A 23 7.62 -4.63 10.27
C ASN A 23 8.43 -3.35 10.12
N LYS A 24 7.72 -2.26 9.77
CA LYS A 24 8.27 -0.91 9.74
C LYS A 24 9.34 -0.71 8.66
N GLN A 25 9.17 -1.37 7.53
CA GLN A 25 9.99 -1.11 6.37
C GLN A 25 9.22 -0.19 5.44
N ARG A 26 9.78 0.17 4.30
CA ARG A 26 9.04 0.95 3.33
C ARG A 26 9.48 0.64 1.91
N THR A 27 8.51 0.57 1.01
CA THR A 27 8.76 0.49 -0.41
C THR A 27 7.87 1.50 -1.11
N VAL A 28 8.38 2.19 -2.10
CA VAL A 28 7.59 3.14 -2.82
C VAL A 28 6.96 2.49 -4.05
N VAL A 29 5.72 2.83 -4.32
CA VAL A 29 5.06 2.36 -5.53
C VAL A 29 4.66 3.55 -6.40
N PRO A 30 5.12 3.59 -7.66
CA PRO A 30 4.61 4.52 -8.64
C PRO A 30 3.11 4.41 -8.73
N ALA A 31 2.42 5.51 -8.52
CA ALA A 31 0.97 5.52 -8.43
C ALA A 31 0.36 5.01 -9.73
N ARG A 32 -0.04 3.76 -9.69
CA ARG A 32 -0.49 3.06 -10.87
C ARG A 32 -1.95 3.37 -11.18
N CYS A 33 -2.19 3.94 -12.36
CA CYS A 33 -3.55 4.28 -12.79
C CYS A 33 -4.19 3.06 -13.44
N GLY A 34 -5.44 2.80 -13.10
CA GLY A 34 -6.09 1.59 -13.57
C GLY A 34 -5.59 0.40 -12.78
N VAL A 35 -5.07 0.69 -11.60
CA VAL A 35 -4.44 -0.29 -10.76
C VAL A 35 -4.94 -0.18 -9.34
N THR A 36 -5.22 -1.32 -8.75
CA THR A 36 -5.75 -1.36 -7.40
C THR A 36 -4.61 -1.41 -6.40
N VAL A 37 -4.92 -1.19 -5.15
CA VAL A 37 -3.96 -1.37 -4.09
C VAL A 37 -3.36 -2.77 -4.18
N ARG A 38 -4.20 -3.70 -4.62
CA ARG A 38 -3.83 -5.09 -4.75
C ARG A 38 -2.57 -5.29 -5.59
N ASP A 39 -2.57 -4.80 -6.82
CA ASP A 39 -1.46 -5.05 -7.73
C ASP A 39 -0.23 -4.26 -7.32
N SER A 40 -0.44 -3.01 -6.97
CA SER A 40 0.65 -2.12 -6.60
C SER A 40 1.33 -2.59 -5.33
N LEU A 41 0.54 -2.87 -4.29
CA LEU A 41 1.10 -3.42 -3.08
C LEU A 41 1.54 -4.86 -3.27
N LYS A 42 1.01 -5.54 -4.29
CA LYS A 42 1.42 -6.91 -4.59
C LYS A 42 2.94 -6.93 -4.76
N LYS A 43 3.46 -5.99 -5.53
CA LYS A 43 4.90 -5.84 -5.68
C LYS A 43 5.52 -5.48 -4.34
N ALA A 44 4.91 -4.51 -3.66
CA ALA A 44 5.43 -4.00 -2.39
C ALA A 44 5.72 -5.14 -1.40
N LEU A 45 4.72 -5.97 -1.15
CA LEU A 45 4.88 -7.11 -0.26
C LEU A 45 5.87 -8.11 -0.84
N MET A 46 5.63 -8.51 -2.09
CA MET A 46 6.39 -9.58 -2.73
C MET A 46 7.88 -9.27 -2.87
N MET A 47 8.26 -8.00 -2.83
CA MET A 47 9.67 -7.63 -2.95
C MET A 47 10.43 -8.00 -1.69
N ARG A 48 9.73 -8.02 -0.56
CA ARG A 48 10.33 -8.46 0.68
C ARG A 48 9.99 -9.92 0.96
N GLY A 49 9.11 -10.45 0.15
CA GLY A 49 8.73 -11.84 0.28
C GLY A 49 7.41 -12.02 0.99
N LEU A 50 6.69 -10.93 1.15
CA LEU A 50 5.35 -10.97 1.75
C LEU A 50 4.29 -11.07 0.66
N ILE A 51 3.04 -11.18 1.06
CA ILE A 51 1.95 -11.27 0.11
C ILE A 51 0.81 -10.32 0.48
N PRO A 52 0.16 -9.75 -0.53
CA PRO A 52 -0.99 -8.84 -0.37
C PRO A 52 -2.19 -9.54 0.24
N GLU A 53 -2.06 -10.84 0.46
CA GLU A 53 -3.11 -11.65 1.05
C GLU A 53 -3.17 -11.41 2.55
N CYS A 54 -2.01 -11.51 3.18
CA CYS A 54 -1.91 -11.46 4.64
C CYS A 54 -1.41 -10.11 5.15
N CYS A 55 -1.85 -9.03 4.51
CA CYS A 55 -1.47 -7.69 4.96
C CYS A 55 -2.64 -6.71 4.73
N ALA A 56 -2.59 -5.55 5.39
CA ALA A 56 -3.62 -4.52 5.23
C ALA A 56 -2.99 -3.17 5.00
N VAL A 57 -3.53 -2.35 4.12
CA VAL A 57 -2.95 -1.06 3.92
C VAL A 57 -3.79 0.05 4.57
N TYR A 58 -3.09 0.86 5.32
CA TYR A 58 -3.65 1.99 6.02
C TYR A 58 -3.00 3.27 5.53
N ARG A 59 -3.61 4.38 5.84
CA ARG A 59 -3.01 5.68 5.58
C ARG A 59 -3.38 6.64 6.69
N ILE A 60 -2.46 7.52 7.03
CA ILE A 60 -2.67 8.46 8.11
C ILE A 60 -3.13 9.80 7.57
N GLN A 61 -4.29 10.21 8.03
CA GLN A 61 -4.87 11.48 7.64
C GLN A 61 -4.60 12.49 8.75
N ASP A 62 -5.55 13.36 9.03
CA ASP A 62 -5.42 14.41 10.06
C ASP A 62 -5.04 13.83 11.43
N GLY A 63 -3.76 13.51 11.61
CA GLY A 63 -3.29 12.88 12.84
C GLY A 63 -3.96 11.54 13.10
N GLU A 64 -4.73 11.07 12.12
CA GLU A 64 -5.56 9.90 12.32
C GLU A 64 -5.24 8.84 11.28
N LYS A 65 -5.99 7.76 11.30
CA LYS A 65 -5.79 6.67 10.39
C LYS A 65 -7.05 6.38 9.59
N LYS A 66 -6.84 5.90 8.39
CA LYS A 66 -7.91 5.46 7.51
C LYS A 66 -7.49 4.15 6.86
N PRO A 67 -8.22 3.05 7.11
CA PRO A 67 -7.94 1.76 6.47
C PRO A 67 -8.40 1.74 5.03
N ILE A 68 -7.53 1.30 4.15
CA ILE A 68 -7.81 1.35 2.72
C ILE A 68 -8.32 0.01 2.19
N GLY A 69 -9.03 0.08 1.08
CA GLY A 69 -9.55 -1.12 0.46
C GLY A 69 -8.65 -1.57 -0.68
N TRP A 70 -8.55 -2.88 -0.89
CA TRP A 70 -7.60 -3.43 -1.85
C TRP A 70 -7.97 -3.10 -3.30
N ASP A 71 -9.18 -2.63 -3.52
CA ASP A 71 -9.63 -2.32 -4.88
C ASP A 71 -9.66 -0.82 -5.11
N THR A 72 -9.03 -0.09 -4.22
CA THR A 72 -8.89 1.34 -4.38
C THR A 72 -7.82 1.63 -5.44
N ASP A 73 -8.16 2.45 -6.42
CA ASP A 73 -7.20 2.82 -7.45
C ASP A 73 -6.06 3.63 -6.83
N ILE A 74 -4.87 3.05 -6.84
CA ILE A 74 -3.74 3.61 -6.11
C ILE A 74 -3.24 4.92 -6.73
N SER A 75 -3.72 5.24 -7.93
CA SER A 75 -3.31 6.47 -8.57
C SER A 75 -3.89 7.69 -7.85
N TRP A 76 -4.89 7.44 -6.99
CA TRP A 76 -5.46 8.51 -6.18
C TRP A 76 -4.75 8.60 -4.83
N LEU A 77 -3.79 7.71 -4.61
CA LEU A 77 -3.11 7.65 -3.33
C LEU A 77 -1.71 8.26 -3.43
N THR A 78 -1.43 8.89 -4.56
CA THR A 78 -0.15 9.53 -4.77
C THR A 78 0.13 10.60 -3.72
N GLY A 79 1.40 10.85 -3.47
CA GLY A 79 1.79 11.90 -2.56
C GLY A 79 1.59 11.55 -1.09
N GLU A 80 0.95 10.42 -0.83
CA GLU A 80 0.68 9.99 0.53
C GLU A 80 1.70 8.95 0.97
N GLU A 81 2.01 8.92 2.26
CA GLU A 81 2.74 7.80 2.83
C GLU A 81 1.76 6.81 3.43
N LEU A 82 1.81 5.60 2.90
CA LEU A 82 0.96 4.52 3.34
C LEU A 82 1.72 3.66 4.32
N HIS A 83 1.02 2.78 5.01
CA HIS A 83 1.68 1.81 5.87
C HIS A 83 0.84 0.55 5.94
N VAL A 84 1.49 -0.59 6.01
CA VAL A 84 0.82 -1.86 5.89
C VAL A 84 0.92 -2.65 7.19
N GLU A 85 -0.18 -3.30 7.50
CA GLU A 85 -0.31 -4.13 8.67
C GLU A 85 -0.39 -5.58 8.20
N VAL A 86 -0.49 -6.52 9.12
CA VAL A 86 -0.72 -7.90 8.76
C VAL A 86 -2.18 -8.28 9.03
N LEU A 87 -2.93 -8.45 7.96
CA LEU A 87 -4.33 -8.76 8.02
C LEU A 87 -4.67 -9.62 6.80
N GLU A 88 -5.25 -10.79 7.04
CA GLU A 88 -5.52 -11.71 5.95
C GLU A 88 -6.85 -11.39 5.28
N ASN A 89 -6.79 -10.67 4.18
CA ASN A 89 -7.96 -10.33 3.41
C ASN A 89 -8.07 -11.26 2.21
N VAL A 90 -8.09 -12.55 2.51
CA VAL A 90 -8.11 -13.58 1.48
C VAL A 90 -9.50 -13.84 0.86
N PRO A 91 -10.63 -13.75 1.63
CA PRO A 91 -11.96 -14.02 1.08
C PRO A 91 -12.45 -12.89 0.16
N LEU A 92 -12.83 -11.78 0.76
CA LEU A 92 -13.37 -10.65 0.02
C LEU A 92 -12.62 -9.39 0.44
N SER A 11 6.07 11.32 -19.27
CA SER A 11 5.94 11.44 -17.80
C SER A 11 6.92 12.50 -17.27
N PRO A 12 6.47 13.77 -17.18
CA PRO A 12 7.30 14.87 -16.70
C PRO A 12 7.78 14.66 -15.27
N GLN A 13 6.85 14.31 -14.39
CA GLN A 13 7.17 13.99 -13.02
C GLN A 13 6.61 12.61 -12.68
N LYS A 14 7.47 11.73 -12.20
CA LYS A 14 7.08 10.37 -11.89
C LYS A 14 6.33 10.32 -10.57
N PRO A 15 5.05 9.93 -10.59
CA PRO A 15 4.22 9.87 -9.41
C PRO A 15 4.40 8.55 -8.65
N ILE A 16 4.66 8.65 -7.36
CA ILE A 16 4.86 7.47 -6.52
C ILE A 16 4.14 7.63 -5.19
N VAL A 17 3.95 6.52 -4.50
CA VAL A 17 3.47 6.54 -3.14
C VAL A 17 4.28 5.57 -2.28
N ARG A 18 4.92 6.11 -1.25
CA ARG A 18 5.76 5.34 -0.36
C ARG A 18 4.91 4.50 0.57
N VAL A 19 5.12 3.22 0.48
CA VAL A 19 4.34 2.25 1.22
C VAL A 19 5.14 1.66 2.37
N PHE A 20 4.79 2.00 3.59
CA PHE A 20 5.45 1.44 4.75
C PHE A 20 5.02 -0.02 4.93
N LEU A 21 5.92 -0.90 4.53
CA LEU A 21 5.68 -2.33 4.56
C LEU A 21 5.51 -2.83 5.99
N PRO A 22 4.93 -4.02 6.16
CA PRO A 22 4.87 -4.70 7.46
C PRO A 22 6.25 -4.79 8.10
N ASN A 23 6.28 -4.79 9.43
CA ASN A 23 7.52 -4.79 10.19
C ASN A 23 8.30 -3.52 9.93
N LYS A 24 7.53 -2.45 9.80
CA LYS A 24 8.01 -1.08 9.86
C LYS A 24 9.09 -0.74 8.84
N GLN A 25 9.08 -1.42 7.70
CA GLN A 25 9.92 -1.01 6.59
C GLN A 25 9.12 -0.10 5.68
N ARG A 26 9.73 0.36 4.60
CA ARG A 26 8.99 1.11 3.62
C ARG A 26 9.54 0.87 2.21
N THR A 27 8.62 0.67 1.30
CA THR A 27 8.93 0.63 -0.10
C THR A 27 8.32 1.86 -0.75
N VAL A 28 8.46 1.98 -2.05
CA VAL A 28 7.75 2.99 -2.81
C VAL A 28 7.19 2.35 -4.05
N VAL A 29 5.94 2.59 -4.33
CA VAL A 29 5.34 2.07 -5.55
C VAL A 29 4.75 3.21 -6.37
N PRO A 30 5.18 3.34 -7.64
CA PRO A 30 4.65 4.33 -8.57
C PRO A 30 3.15 4.29 -8.62
N ALA A 31 2.54 5.46 -8.57
CA ALA A 31 1.10 5.58 -8.63
C ALA A 31 0.60 5.03 -9.95
N ARG A 32 -0.20 3.98 -9.85
CA ARG A 32 -0.65 3.25 -11.00
C ARG A 32 -2.11 3.57 -11.31
N CYS A 33 -2.34 4.26 -12.43
CA CYS A 33 -3.69 4.64 -12.83
C CYS A 33 -4.38 3.48 -13.51
N GLY A 34 -5.52 3.08 -12.97
CA GLY A 34 -6.22 1.92 -13.48
C GLY A 34 -5.74 0.66 -12.78
N VAL A 35 -4.97 0.87 -11.73
CA VAL A 35 -4.43 -0.22 -10.93
C VAL A 35 -4.87 -0.07 -9.49
N THR A 36 -5.19 -1.19 -8.87
CA THR A 36 -5.67 -1.18 -7.51
C THR A 36 -4.48 -1.23 -6.57
N VAL A 37 -4.72 -1.00 -5.29
CA VAL A 37 -3.65 -1.15 -4.33
C VAL A 37 -3.14 -2.59 -4.38
N ARG A 38 -4.00 -3.51 -4.83
CA ARG A 38 -3.66 -4.91 -4.94
C ARG A 38 -2.43 -5.15 -5.81
N ASP A 39 -2.49 -4.75 -7.06
CA ASP A 39 -1.39 -4.98 -8.00
C ASP A 39 -0.16 -4.21 -7.56
N SER A 40 -0.39 -2.94 -7.27
CA SER A 40 0.68 -2.02 -6.93
C SER A 40 1.42 -2.49 -5.66
N LEU A 41 0.65 -2.78 -4.63
CA LEU A 41 1.19 -3.30 -3.40
C LEU A 41 1.70 -4.72 -3.57
N LYS A 42 1.19 -5.42 -4.57
CA LYS A 42 1.67 -6.77 -4.86
C LYS A 42 3.18 -6.75 -5.06
N LYS A 43 3.67 -5.74 -5.79
CA LYS A 43 5.11 -5.53 -5.90
C LYS A 43 5.70 -5.18 -4.55
N ALA A 44 5.11 -4.17 -3.91
CA ALA A 44 5.59 -3.68 -2.62
C ALA A 44 5.85 -4.82 -1.64
N LEU A 45 4.85 -5.67 -1.48
CA LEU A 45 4.91 -6.80 -0.60
C LEU A 45 5.87 -7.85 -1.13
N MET A 46 5.66 -8.29 -2.37
CA MET A 46 6.46 -9.37 -2.96
C MET A 46 7.94 -9.04 -3.08
N MET A 47 8.31 -7.77 -3.07
CA MET A 47 9.73 -7.42 -3.12
C MET A 47 10.41 -7.84 -1.82
N ARG A 48 9.64 -7.83 -0.74
CA ARG A 48 10.11 -8.39 0.53
C ARG A 48 9.66 -9.83 0.70
N GLY A 49 8.90 -10.30 -0.26
CA GLY A 49 8.38 -11.65 -0.22
C GLY A 49 7.09 -11.74 0.55
N LEU A 50 6.48 -10.59 0.77
CA LEU A 50 5.26 -10.49 1.56
C LEU A 50 4.04 -10.73 0.68
N ILE A 51 2.93 -11.08 1.28
CA ILE A 51 1.72 -11.38 0.54
C ILE A 51 0.56 -10.47 0.94
N PRO A 52 -0.27 -10.08 -0.04
CA PRO A 52 -1.42 -9.19 0.19
C PRO A 52 -2.60 -9.93 0.84
N GLU A 53 -2.44 -11.23 1.00
CA GLU A 53 -3.52 -12.07 1.53
C GLU A 53 -3.72 -11.81 3.03
N CYS A 54 -2.63 -11.63 3.74
CA CYS A 54 -2.71 -11.44 5.19
C CYS A 54 -2.11 -10.10 5.61
N CYS A 55 -2.33 -9.07 4.81
CA CYS A 55 -1.85 -7.73 5.13
C CYS A 55 -2.94 -6.71 4.82
N ALA A 56 -2.81 -5.49 5.36
CA ALA A 56 -3.80 -4.44 5.13
C ALA A 56 -3.14 -3.12 4.87
N VAL A 57 -3.67 -2.35 3.93
CA VAL A 57 -3.07 -1.08 3.64
C VAL A 57 -3.87 0.06 4.27
N TYR A 58 -3.13 0.89 4.95
CA TYR A 58 -3.65 2.05 5.64
C TYR A 58 -3.00 3.31 5.11
N ARG A 59 -3.53 4.45 5.51
CA ARG A 59 -2.90 5.72 5.26
C ARG A 59 -3.26 6.70 6.35
N ILE A 60 -2.26 7.37 6.90
CA ILE A 60 -2.49 8.27 8.00
C ILE A 60 -2.94 9.63 7.49
N GLN A 61 -4.08 10.06 7.99
CA GLN A 61 -4.62 11.35 7.68
C GLN A 61 -4.55 12.20 8.94
N ASP A 62 -5.58 12.99 9.19
CA ASP A 62 -5.61 13.92 10.33
C ASP A 62 -5.29 13.24 11.67
N GLY A 63 -4.01 13.06 11.95
CA GLY A 63 -3.56 12.46 13.19
C GLY A 63 -4.04 11.04 13.38
N GLU A 64 -4.66 10.46 12.35
CA GLU A 64 -5.25 9.15 12.50
C GLU A 64 -4.99 8.27 11.29
N LYS A 65 -5.52 7.06 11.35
CA LYS A 65 -5.30 6.07 10.33
C LYS A 65 -6.57 5.79 9.55
N LYS A 66 -6.43 5.62 8.26
CA LYS A 66 -7.53 5.25 7.40
C LYS A 66 -7.21 3.92 6.72
N PRO A 67 -7.98 2.87 7.00
CA PRO A 67 -7.81 1.59 6.34
C PRO A 67 -8.40 1.59 4.94
N ILE A 68 -7.56 1.27 3.98
CA ILE A 68 -7.93 1.37 2.57
C ILE A 68 -8.45 0.03 2.04
N GLY A 69 -9.19 0.09 0.95
CA GLY A 69 -9.68 -1.11 0.30
C GLY A 69 -8.72 -1.57 -0.77
N TRP A 70 -8.69 -2.87 -1.02
CA TRP A 70 -7.69 -3.44 -1.92
C TRP A 70 -8.03 -3.19 -3.39
N ASP A 71 -9.25 -2.76 -3.67
CA ASP A 71 -9.66 -2.48 -5.03
C ASP A 71 -9.64 -0.99 -5.30
N THR A 72 -9.03 -0.25 -4.41
CA THR A 72 -8.94 1.19 -4.54
C THR A 72 -7.84 1.57 -5.53
N ASP A 73 -8.18 2.45 -6.46
CA ASP A 73 -7.22 2.94 -7.44
C ASP A 73 -6.09 3.67 -6.73
N ILE A 74 -4.88 3.15 -6.88
CA ILE A 74 -3.73 3.67 -6.14
C ILE A 74 -3.26 5.01 -6.69
N SER A 75 -3.68 5.35 -7.90
CA SER A 75 -3.29 6.63 -8.50
C SER A 75 -3.92 7.79 -7.72
N TRP A 76 -4.95 7.47 -6.96
CA TRP A 76 -5.60 8.46 -6.10
C TRP A 76 -4.78 8.69 -4.85
N LEU A 77 -3.89 7.77 -4.55
CA LEU A 77 -3.16 7.79 -3.29
C LEU A 77 -1.74 8.31 -3.48
N THR A 78 -1.47 8.91 -4.62
CA THR A 78 -0.16 9.49 -4.89
C THR A 78 0.17 10.58 -3.87
N GLY A 79 1.44 10.79 -3.64
CA GLY A 79 1.89 11.83 -2.73
C GLY A 79 1.66 11.50 -1.27
N GLU A 80 1.00 10.37 -1.01
CA GLU A 80 0.74 9.94 0.35
C GLU A 80 1.76 8.88 0.77
N GLU A 81 1.81 8.61 2.06
CA GLU A 81 2.56 7.48 2.56
C GLU A 81 1.60 6.46 3.14
N LEU A 82 1.72 5.25 2.67
CA LEU A 82 0.83 4.18 3.08
C LEU A 82 1.47 3.39 4.21
N HIS A 83 0.67 2.73 5.00
CA HIS A 83 1.18 1.89 6.08
C HIS A 83 0.47 0.55 6.04
N VAL A 84 1.21 -0.52 5.80
CA VAL A 84 0.61 -1.82 5.68
C VAL A 84 0.78 -2.62 6.96
N GLU A 85 -0.32 -3.22 7.37
CA GLU A 85 -0.39 -4.01 8.58
C GLU A 85 -0.50 -5.47 8.18
N VAL A 86 -0.47 -6.36 9.14
CA VAL A 86 -0.62 -7.77 8.86
C VAL A 86 -1.92 -8.29 9.49
N LEU A 87 -2.84 -8.74 8.66
CA LEU A 87 -4.11 -9.27 9.12
C LEU A 87 -3.95 -10.72 9.57
N GLU A 88 -3.80 -10.92 10.86
CA GLU A 88 -3.62 -12.26 11.42
C GLU A 88 -4.77 -12.60 12.35
N ASN A 89 -5.19 -13.85 12.30
CA ASN A 89 -6.34 -14.33 13.08
C ASN A 89 -7.57 -13.48 12.81
N VAL A 90 -8.06 -13.57 11.60
CA VAL A 90 -9.20 -12.78 11.18
C VAL A 90 -10.51 -13.53 11.39
N PRO A 91 -11.47 -12.91 12.09
CA PRO A 91 -12.77 -13.53 12.37
C PRO A 91 -13.73 -13.45 11.19
N LEU A 92 -13.42 -12.60 10.22
CA LEU A 92 -14.30 -12.40 9.08
C LEU A 92 -13.72 -13.06 7.84
#